data_1ZF6
# 
_entry.id   1ZF6 
# 
_audit_conform.dict_name       mmcif_pdbx.dic 
_audit_conform.dict_version    5.389 
_audit_conform.dict_location   http://mmcif.pdb.org/dictionaries/ascii/mmcif_pdbx.dic 
# 
loop_
_database_2.database_id 
_database_2.database_code 
_database_2.pdbx_database_accession 
_database_2.pdbx_DOI 
PDB   1ZF6         pdb_00001zf6 10.2210/pdb1zf6/pdb 
NDB   AD0049       ?            ?                   
RCSB  RCSB032649   ?            ?                   
WWPDB D_1000032649 ?            ?                   
# 
loop_
_pdbx_audit_revision_history.ordinal 
_pdbx_audit_revision_history.data_content_type 
_pdbx_audit_revision_history.major_revision 
_pdbx_audit_revision_history.minor_revision 
_pdbx_audit_revision_history.revision_date 
1 'Structure model' 1 0 2005-05-10 
2 'Structure model' 1 1 2008-04-30 
3 'Structure model' 1 2 2011-07-13 
4 'Structure model' 1 3 2017-10-11 
5 'Structure model' 1 4 2024-02-14 
6 'Structure model' 1 5 2024-04-03 
# 
_pdbx_audit_revision_details.ordinal             1 
_pdbx_audit_revision_details.revision_ordinal    1 
_pdbx_audit_revision_details.data_content_type   'Structure model' 
_pdbx_audit_revision_details.provider            repository 
_pdbx_audit_revision_details.type                'Initial release' 
_pdbx_audit_revision_details.description         ? 
_pdbx_audit_revision_details.details             ? 
# 
loop_
_pdbx_audit_revision_group.ordinal 
_pdbx_audit_revision_group.revision_ordinal 
_pdbx_audit_revision_group.data_content_type 
_pdbx_audit_revision_group.group 
1 2 'Structure model' 'Version format compliance' 
2 3 'Structure model' 'Version format compliance' 
3 4 'Structure model' 'Refinement description'    
4 5 'Structure model' 'Data collection'           
5 5 'Structure model' 'Database references'       
6 5 'Structure model' 'Derived calculations'      
7 6 'Structure model' 'Refinement description'    
# 
loop_
_pdbx_audit_revision_category.ordinal 
_pdbx_audit_revision_category.revision_ordinal 
_pdbx_audit_revision_category.data_content_type 
_pdbx_audit_revision_category.category 
1 4 'Structure model' software                      
2 5 'Structure model' chem_comp_atom                
3 5 'Structure model' chem_comp_bond                
4 5 'Structure model' database_2                    
5 5 'Structure model' pdbx_struct_conn_angle        
6 5 'Structure model' struct_conn                   
7 5 'Structure model' struct_site                   
8 6 'Structure model' pdbx_initial_refinement_model 
# 
loop_
_pdbx_audit_revision_item.ordinal 
_pdbx_audit_revision_item.revision_ordinal 
_pdbx_audit_revision_item.data_content_type 
_pdbx_audit_revision_item.item 
1  5 'Structure model' '_database_2.pdbx_DOI'                        
2  5 'Structure model' '_database_2.pdbx_database_accession'         
3  5 'Structure model' '_pdbx_struct_conn_angle.ptnr1_auth_asym_id'  
4  5 'Structure model' '_pdbx_struct_conn_angle.ptnr1_auth_comp_id'  
5  5 'Structure model' '_pdbx_struct_conn_angle.ptnr1_auth_seq_id'   
6  5 'Structure model' '_pdbx_struct_conn_angle.ptnr1_label_asym_id' 
7  5 'Structure model' '_pdbx_struct_conn_angle.ptnr1_label_atom_id' 
8  5 'Structure model' '_pdbx_struct_conn_angle.ptnr1_label_comp_id' 
9  5 'Structure model' '_pdbx_struct_conn_angle.ptnr1_label_seq_id'  
10 5 'Structure model' '_pdbx_struct_conn_angle.ptnr2_auth_seq_id'   
11 5 'Structure model' '_pdbx_struct_conn_angle.ptnr2_label_asym_id' 
12 5 'Structure model' '_pdbx_struct_conn_angle.ptnr3_auth_asym_id'  
13 5 'Structure model' '_pdbx_struct_conn_angle.ptnr3_auth_comp_id'  
14 5 'Structure model' '_pdbx_struct_conn_angle.ptnr3_auth_seq_id'   
15 5 'Structure model' '_pdbx_struct_conn_angle.ptnr3_label_asym_id' 
16 5 'Structure model' '_pdbx_struct_conn_angle.ptnr3_label_atom_id' 
17 5 'Structure model' '_pdbx_struct_conn_angle.ptnr3_label_comp_id' 
18 5 'Structure model' '_pdbx_struct_conn_angle.ptnr3_label_seq_id'  
19 5 'Structure model' '_pdbx_struct_conn_angle.ptnr3_symmetry'      
20 5 'Structure model' '_pdbx_struct_conn_angle.value'               
21 5 'Structure model' '_struct_conn.pdbx_dist_value'                
22 5 'Structure model' '_struct_conn.ptnr1_auth_asym_id'             
23 5 'Structure model' '_struct_conn.ptnr1_auth_comp_id'             
24 5 'Structure model' '_struct_conn.ptnr1_auth_seq_id'              
25 5 'Structure model' '_struct_conn.ptnr1_label_asym_id'            
26 5 'Structure model' '_struct_conn.ptnr1_label_atom_id'            
27 5 'Structure model' '_struct_conn.ptnr1_label_comp_id'            
28 5 'Structure model' '_struct_conn.ptnr1_label_seq_id'             
29 5 'Structure model' '_struct_conn.ptnr2_auth_asym_id'             
30 5 'Structure model' '_struct_conn.ptnr2_auth_comp_id'             
31 5 'Structure model' '_struct_conn.ptnr2_auth_seq_id'              
32 5 'Structure model' '_struct_conn.ptnr2_label_asym_id'            
33 5 'Structure model' '_struct_conn.ptnr2_label_atom_id'            
34 5 'Structure model' '_struct_conn.ptnr2_label_comp_id'            
35 5 'Structure model' '_struct_conn.ptnr2_label_seq_id'             
36 5 'Structure model' '_struct_conn.ptnr2_symmetry'                 
37 5 'Structure model' '_struct_site.pdbx_auth_asym_id'              
38 5 'Structure model' '_struct_site.pdbx_auth_comp_id'              
39 5 'Structure model' '_struct_site.pdbx_auth_seq_id'               
# 
_pdbx_database_status.entry_id                        1ZF6 
_pdbx_database_status.deposit_site                    RCSB 
_pdbx_database_status.process_site                    RCSB 
_pdbx_database_status.recvd_initial_deposition_date   2005-04-19 
_pdbx_database_status.status_code                     REL 
_pdbx_database_status.status_code_sf                  REL 
_pdbx_database_status.status_code_mr                  ? 
_pdbx_database_status.SG_entry                        ? 
_pdbx_database_status.pdb_format_compatible           Y 
_pdbx_database_status.status_code_cs                  ? 
_pdbx_database_status.methods_development_category    ? 
_pdbx_database_status.status_code_nmr_data            ? 
# 
loop_
_pdbx_database_related.db_name 
_pdbx_database_related.db_id 
_pdbx_database_related.details 
_pdbx_database_related.content_type 
PDB 1P4Y . unspecified 
PDB 1P4Z . unspecified 
PDB 1DCW . unspecified 
PDB 1DCV . unspecified 
PDB 1ZEW . unspecified 
PDB 1ZEX . unspecified 
PDB 1ZEY . unspecified 
PDB 1ZEZ . unspecified 
PDB 1ZF0 . unspecified 
PDB 1ZF1 . unspecified 
PDB 1ZF2 . unspecified 
PDB 1ZF3 . unspecified 
PDB 1ZF4 . unspecified 
PDB 1ZF5 . unspecified 
PDB 1ZF7 . unspecified 
PDB 1ZF8 . unspecified 
PDB 1ZF9 . unspecified 
PDB 1ZFA . unspecified 
PDB 1ZFB . unspecified 
PDB 1ZFC . unspecified 
PDB 1ZFE . unspecified 
PDB 1ZFF . unspecified 
PDB 1ZFG . unspecified 
PDB 1ZFH . unspecified 
PDB 1ZFM . unspecified 
# 
loop_
_audit_author.name 
_audit_author.pdbx_ordinal 
'Hays, F.A.'      1 
'Teegarden, A.T.' 2 
'Jones, Z.J.R.'   3 
'Harms, M.'       4 
'Raup, D.'        5 
'Watson, J.'      6 
'Cavaliere, E.'   7 
'Ho, P.S.'        8 
# 
_citation.id                        primary 
_citation.title                     'How sequence defines structure: a crystallographic map of DNA structure and conformation.' 
_citation.journal_abbrev            Proc.Natl.Acad.Sci.Usa 
_citation.journal_volume            102 
_citation.page_first                7157 
_citation.page_last                 7162 
_citation.year                      2005 
_citation.journal_id_ASTM           PNASA6 
_citation.country                   US 
_citation.journal_id_ISSN           0027-8424 
_citation.journal_id_CSD            0040 
_citation.book_publisher            ? 
_citation.pdbx_database_id_PubMed   15870206 
_citation.pdbx_database_id_DOI      10.1073/pnas.0409455102 
# 
loop_
_citation_author.citation_id 
_citation_author.name 
_citation_author.ordinal 
_citation_author.identifier_ORCID 
primary 'Hays, F.A.'    1 ? 
primary 'Teegarden, A.' 2 ? 
primary 'Jones, Z.J.'   3 ? 
primary 'Harms, M.'     4 ? 
primary 'Raup, D.'      5 ? 
primary 'Watson, J.'    6 ? 
primary 'Cavaliere, E.' 7 ? 
primary 'Ho, P.S.'      8 ? 
# 
loop_
_entity.id 
_entity.type 
_entity.src_method 
_entity.pdbx_description 
_entity.formula_weight 
_entity.pdbx_number_of_molecules 
_entity.pdbx_ec 
_entity.pdbx_mutation 
_entity.pdbx_fragment 
_entity.details 
1 polymer     syn "5'-D(*CP*CP*CP*CP*AP*TP*GP*GP*GP*G)-3'" 3045.992 2   ? ? ? ? 
2 non-polymer syn 'CALCIUM ION'                            40.078   3   ? ? ? ? 
3 non-polymer syn 'SODIUM ION'                             22.990   1   ? ? ? ? 
4 water       nat water                                    18.015   116 ? ? ? ? 
# 
_entity_poly.entity_id                      1 
_entity_poly.type                           polydeoxyribonucleotide 
_entity_poly.nstd_linkage                   no 
_entity_poly.nstd_monomer                   no 
_entity_poly.pdbx_seq_one_letter_code       '(DC)(DC)(DC)(DC)(DA)(DT)(DG)(DG)(DG)(DG)' 
_entity_poly.pdbx_seq_one_letter_code_can   CCCCATGGGG 
_entity_poly.pdbx_strand_id                 A,B 
_entity_poly.pdbx_target_identifier         ? 
# 
loop_
_pdbx_entity_nonpoly.entity_id 
_pdbx_entity_nonpoly.name 
_pdbx_entity_nonpoly.comp_id 
2 'CALCIUM ION' CA  
3 'SODIUM ION'  NA  
4 water         HOH 
# 
loop_
_entity_poly_seq.entity_id 
_entity_poly_seq.num 
_entity_poly_seq.mon_id 
_entity_poly_seq.hetero 
1 1  DC n 
1 2  DC n 
1 3  DC n 
1 4  DC n 
1 5  DA n 
1 6  DT n 
1 7  DG n 
1 8  DG n 
1 9  DG n 
1 10 DG n 
# 
_pdbx_entity_src_syn.entity_id              1 
_pdbx_entity_src_syn.pdbx_src_id            1 
_pdbx_entity_src_syn.pdbx_alt_source_flag   sample 
_pdbx_entity_src_syn.pdbx_beg_seq_num       ? 
_pdbx_entity_src_syn.pdbx_end_seq_num       ? 
_pdbx_entity_src_syn.organism_scientific    ? 
_pdbx_entity_src_syn.organism_common_name   ? 
_pdbx_entity_src_syn.ncbi_taxonomy_id       ? 
_pdbx_entity_src_syn.details                
;DNA WAS SYNTHESIZED ON AN APPLIED BIOSYSTEMS DNA SYNTHESIZER USING PHOSPHORAMIDITE CHEMISTRY, WITH THE TRITYL-PROTECTING GROUP LEFT INTACT AT THE 5'-TERMINAL NUCLEOTIDE THEN DEPROTECTED BY TREATMENT WITH 3% ACETIC ACID FOR FIFTEEN MINUTES, NEUTRALIZED WITH AMMONIUM HYDROXIDE, AND DESALTED ON A SIGMA G-25 SEPHADEX COLUMN.
;
# 
loop_
_chem_comp.id 
_chem_comp.type 
_chem_comp.mon_nstd_flag 
_chem_comp.name 
_chem_comp.pdbx_synonyms 
_chem_comp.formula 
_chem_comp.formula_weight 
CA  non-polymer   . 'CALCIUM ION'                        ? 'Ca 2'            40.078  
DA  'DNA linking' y "2'-DEOXYADENOSINE-5'-MONOPHOSPHATE" ? 'C10 H14 N5 O6 P' 331.222 
DC  'DNA linking' y "2'-DEOXYCYTIDINE-5'-MONOPHOSPHATE"  ? 'C9 H14 N3 O7 P'  307.197 
DG  'DNA linking' y "2'-DEOXYGUANOSINE-5'-MONOPHOSPHATE" ? 'C10 H14 N5 O7 P' 347.221 
DT  'DNA linking' y "THYMIDINE-5'-MONOPHOSPHATE"         ? 'C10 H15 N2 O8 P' 322.208 
HOH non-polymer   . WATER                                ? 'H2 O'            18.015  
NA  non-polymer   . 'SODIUM ION'                         ? 'Na 1'            22.990  
# 
loop_
_pdbx_poly_seq_scheme.asym_id 
_pdbx_poly_seq_scheme.entity_id 
_pdbx_poly_seq_scheme.seq_id 
_pdbx_poly_seq_scheme.mon_id 
_pdbx_poly_seq_scheme.ndb_seq_num 
_pdbx_poly_seq_scheme.pdb_seq_num 
_pdbx_poly_seq_scheme.auth_seq_num 
_pdbx_poly_seq_scheme.pdb_mon_id 
_pdbx_poly_seq_scheme.auth_mon_id 
_pdbx_poly_seq_scheme.pdb_strand_id 
_pdbx_poly_seq_scheme.pdb_ins_code 
_pdbx_poly_seq_scheme.hetero 
A 1 1  DC 1  1  1  DC C A . n 
A 1 2  DC 2  2  2  DC C A . n 
A 1 3  DC 3  3  3  DC C A . n 
A 1 4  DC 4  4  4  DC C A . n 
A 1 5  DA 5  5  5  DA A A . n 
A 1 6  DT 6  6  6  DT T A . n 
A 1 7  DG 7  7  7  DG G A . n 
A 1 8  DG 8  8  8  DG G A . n 
A 1 9  DG 9  9  9  DG G A . n 
A 1 10 DG 10 10 10 DG G A . n 
B 1 1  DC 1  11 11 DC C B . n 
B 1 2  DC 2  12 12 DC C B . n 
B 1 3  DC 3  13 13 DC C B . n 
B 1 4  DC 4  14 14 DC C B . n 
B 1 5  DA 5  15 15 DA A B . n 
B 1 6  DT 6  16 16 DT T B . n 
B 1 7  DG 7  17 17 DG G B . n 
B 1 8  DG 8  18 18 DG G B . n 
B 1 9  DG 9  19 19 DG G B . n 
B 1 10 DG 10 20 20 DG G B . n 
# 
loop_
_pdbx_nonpoly_scheme.asym_id 
_pdbx_nonpoly_scheme.entity_id 
_pdbx_nonpoly_scheme.mon_id 
_pdbx_nonpoly_scheme.ndb_seq_num 
_pdbx_nonpoly_scheme.pdb_seq_num 
_pdbx_nonpoly_scheme.auth_seq_num 
_pdbx_nonpoly_scheme.pdb_mon_id 
_pdbx_nonpoly_scheme.auth_mon_id 
_pdbx_nonpoly_scheme.pdb_strand_id 
_pdbx_nonpoly_scheme.pdb_ins_code 
C 2 CA  1  22  22  CA  CA  A . 
D 2 CA  1  24  24  CA  CA  A . 
E 2 CA  1  25  25  CA  CA  A . 
F 3 NA  1  23  23  NA  NA  B . 
G 4 HOH 1  21  21  HOH HOH A . 
G 4 HOH 2  26  26  HOH HOH A . 
G 4 HOH 3  27  27  HOH HOH A . 
G 4 HOH 4  28  28  HOH HOH A . 
G 4 HOH 5  29  29  HOH HOH A . 
G 4 HOH 6  30  30  HOH HOH A . 
G 4 HOH 7  31  31  HOH HOH A . 
G 4 HOH 8  32  32  HOH HOH A . 
G 4 HOH 9  33  33  HOH HOH A . 
G 4 HOH 10 35  35  HOH HOH A . 
G 4 HOH 11 36  36  HOH HOH A . 
G 4 HOH 12 37  37  HOH HOH A . 
G 4 HOH 13 38  38  HOH HOH A . 
G 4 HOH 14 39  39  HOH HOH A . 
G 4 HOH 15 40  40  HOH HOH A . 
G 4 HOH 16 44  44  HOH HOH A . 
G 4 HOH 17 45  45  HOH HOH A . 
G 4 HOH 18 46  46  HOH HOH A . 
G 4 HOH 19 47  47  HOH HOH A . 
G 4 HOH 20 48  48  HOH HOH A . 
G 4 HOH 21 49  49  HOH HOH A . 
G 4 HOH 22 50  50  HOH HOH A . 
G 4 HOH 23 51  51  HOH HOH A . 
G 4 HOH 24 52  52  HOH HOH A . 
G 4 HOH 25 53  53  HOH HOH A . 
G 4 HOH 26 55  55  HOH HOH A . 
G 4 HOH 27 56  56  HOH HOH A . 
G 4 HOH 28 57  57  HOH HOH A . 
G 4 HOH 29 58  58  HOH HOH A . 
G 4 HOH 30 59  59  HOH HOH A . 
G 4 HOH 31 60  60  HOH HOH A . 
G 4 HOH 32 61  61  HOH HOH A . 
G 4 HOH 33 62  62  HOH HOH A . 
G 4 HOH 34 65  65  HOH HOH A . 
G 4 HOH 35 66  66  HOH HOH A . 
G 4 HOH 36 67  67  HOH HOH A . 
G 4 HOH 37 70  70  HOH HOH A . 
G 4 HOH 38 71  71  HOH HOH A . 
G 4 HOH 39 73  73  HOH HOH A . 
G 4 HOH 40 76  76  HOH HOH A . 
G 4 HOH 41 80  80  HOH HOH A . 
G 4 HOH 42 82  82  HOH HOH A . 
G 4 HOH 43 84  84  HOH HOH A . 
G 4 HOH 44 87  87  HOH HOH A . 
G 4 HOH 45 89  89  HOH HOH A . 
G 4 HOH 46 91  91  HOH HOH A . 
G 4 HOH 47 94  94  HOH HOH A . 
G 4 HOH 48 95  95  HOH HOH A . 
G 4 HOH 49 96  96  HOH HOH A . 
G 4 HOH 50 98  98  HOH HOH A . 
G 4 HOH 51 101 101 HOH HOH A . 
G 4 HOH 52 104 104 HOH HOH A . 
G 4 HOH 53 107 107 HOH HOH A . 
G 4 HOH 54 110 110 HOH HOH A . 
G 4 HOH 55 111 111 HOH HOH A . 
G 4 HOH 56 115 115 HOH HOH A . 
G 4 HOH 57 116 116 HOH HOH A . 
G 4 HOH 58 118 118 HOH HOH A . 
G 4 HOH 59 119 119 HOH HOH A . 
G 4 HOH 60 121 121 HOH HOH A . 
G 4 HOH 61 122 122 HOH HOH A . 
G 4 HOH 62 123 123 HOH HOH A . 
G 4 HOH 63 124 124 HOH HOH A . 
G 4 HOH 64 125 125 HOH HOH A . 
G 4 HOH 65 127 127 HOH HOH A . 
G 4 HOH 66 132 132 HOH HOH A . 
G 4 HOH 67 134 134 HOH HOH A . 
G 4 HOH 68 140 140 HOH HOH A . 
H 4 HOH 1  34  34  HOH HOH B . 
H 4 HOH 2  41  41  HOH HOH B . 
H 4 HOH 3  42  42  HOH HOH B . 
H 4 HOH 4  43  43  HOH HOH B . 
H 4 HOH 5  54  54  HOH HOH B . 
H 4 HOH 6  63  63  HOH HOH B . 
H 4 HOH 7  64  64  HOH HOH B . 
H 4 HOH 8  68  68  HOH HOH B . 
H 4 HOH 9  69  69  HOH HOH B . 
H 4 HOH 10 72  72  HOH HOH B . 
H 4 HOH 11 74  74  HOH HOH B . 
H 4 HOH 12 75  75  HOH HOH B . 
H 4 HOH 13 77  77  HOH HOH B . 
H 4 HOH 14 78  78  HOH HOH B . 
H 4 HOH 15 79  79  HOH HOH B . 
H 4 HOH 16 81  81  HOH HOH B . 
H 4 HOH 17 83  83  HOH HOH B . 
H 4 HOH 18 85  85  HOH HOH B . 
H 4 HOH 19 86  86  HOH HOH B . 
H 4 HOH 20 88  88  HOH HOH B . 
H 4 HOH 21 90  90  HOH HOH B . 
H 4 HOH 22 92  92  HOH HOH B . 
H 4 HOH 23 93  93  HOH HOH B . 
H 4 HOH 24 97  97  HOH HOH B . 
H 4 HOH 25 99  99  HOH HOH B . 
H 4 HOH 26 100 100 HOH HOH B . 
H 4 HOH 27 102 102 HOH HOH B . 
H 4 HOH 28 103 103 HOH HOH B . 
H 4 HOH 29 105 105 HOH HOH B . 
H 4 HOH 30 106 106 HOH HOH B . 
H 4 HOH 31 108 108 HOH HOH B . 
H 4 HOH 32 109 109 HOH HOH B . 
H 4 HOH 33 112 112 HOH HOH B . 
H 4 HOH 34 113 113 HOH HOH B . 
H 4 HOH 35 114 114 HOH HOH B . 
H 4 HOH 36 117 117 HOH HOH B . 
H 4 HOH 37 120 120 HOH HOH B . 
H 4 HOH 38 126 126 HOH HOH B . 
H 4 HOH 39 128 128 HOH HOH B . 
H 4 HOH 40 129 129 HOH HOH B . 
H 4 HOH 41 130 130 HOH HOH B . 
H 4 HOH 42 131 131 HOH HOH B . 
H 4 HOH 43 133 133 HOH HOH B . 
H 4 HOH 44 135 135 HOH HOH B . 
H 4 HOH 45 136 136 HOH HOH B . 
H 4 HOH 46 137 137 HOH HOH B . 
H 4 HOH 47 138 138 HOH HOH B . 
H 4 HOH 48 139 139 HOH HOH B . 
# 
loop_
_software.name 
_software.version 
_software.date 
_software.type 
_software.contact_author 
_software.contact_author_email 
_software.classification 
_software.location 
_software.language 
_software.citation_id 
_software.pdbx_ordinal 
DENZO     .        ? package 'Zbyszek Otwinowski' zbyszek@mix.swmed.edu 'data reduction' 
http://www.lnls.br/infra/linhasluz/denzo-hkl.htm ?       ? 1 
SCALEPACK .        ? package 'Zbyszek Otwinowski' zbyszek@mix.swmed.edu 'data scaling'   
http://www.lnls.br/infra/linhasluz/denzo-hkl.htm ?       ? 2 
REFMAC    5.2.0005 ? program 'Murshudov, G.N.'    ccp4@dl.ac.uk         refinement       http://www.ccp4.ac.uk/main.html Fortran ? 
3 
EPMR      .        ? ?       ?                    ?                     phasing          ? ?       ? 4 
# 
_cell.length_a           25.239 
_cell.length_b           41.179 
_cell.length_c           44.410 
_cell.angle_alpha        90.00 
_cell.angle_beta         90.00 
_cell.angle_gamma        90.00 
_cell.entry_id           1ZF6 
_cell.pdbx_unique_axis   ? 
_cell.Z_PDB              8 
# 
_symmetry.space_group_name_H-M             'P 21 21 21' 
_symmetry.Int_Tables_number                19 
_symmetry.entry_id                         1ZF6 
_symmetry.pdbx_full_space_group_name_H-M   ? 
_symmetry.cell_setting                     ? 
_symmetry.space_group_name_Hall            ? 
# 
_exptl.crystals_number   1 
_exptl.method            'X-RAY DIFFRACTION' 
_exptl.entry_id          1ZF6 
# 
_exptl_crystal.id                    1 
_exptl_crystal.density_percent_sol   35.06 
_exptl_crystal.density_Matthews      1.89 
_exptl_crystal.density_meas          ? 
_exptl_crystal.description           ? 
_exptl_crystal.F_000                 ? 
_exptl_crystal.preparation           ? 
# 
_exptl_crystal_grow.crystal_id      1 
_exptl_crystal_grow.method          'VAPOR DIFFUSION, SITTING DROP' 
_exptl_crystal_grow.pH              7.0 
_exptl_crystal_grow.temp            298 
_exptl_crystal_grow.pdbx_details    
'Na Cacodylate, CaCl2, Spermine, MPD in resevoir, pH 7.0, VAPOR DIFFUSION, SITTING DROP, temperature 298K' 
_exptl_crystal_grow.temp_details    ? 
_exptl_crystal_grow.pdbx_pH_range   . 
# 
loop_
_exptl_crystal_grow_comp.crystal_id 
_exptl_crystal_grow_comp.id 
_exptl_crystal_grow_comp.sol_id 
_exptl_crystal_grow_comp.name 
_exptl_crystal_grow_comp.conc 
_exptl_crystal_grow_comp.volume 
_exptl_crystal_grow_comp.details 
1 1 1 'Na Cacodylate' ? ? ? 
1 2 1 CaCl2           ? ? ? 
1 3 1 Spermine        ? ? ? 
1 4 1 MPD             ? ? ? 
1 5 1 H2O             ? ? ? 
1 6 2 'Na Cacodylate' ? ? ? 
1 7 2 CaCl2           ? ? ? 
1 8 2 MPD             ? ? ? 
1 9 2 H2O             ? ? ? 
# 
_diffrn.id                     1 
_diffrn.ambient_temp           103 
_diffrn.ambient_temp_details   ? 
_diffrn.crystal_id             1 
# 
_diffrn_detector.diffrn_id              1 
_diffrn_detector.detector               CCD 
_diffrn_detector.type                   'ADSC QUANTUM 4' 
_diffrn_detector.pdbx_collection_date   2004-02-25 
_diffrn_detector.details                ? 
# 
_diffrn_radiation.diffrn_id                        1 
_diffrn_radiation.pdbx_diffrn_protocol             'SINGLE WAVELENGTH' 
_diffrn_radiation.wavelength_id                    1 
_diffrn_radiation.monochromator                    ? 
_diffrn_radiation.pdbx_monochromatic_or_laue_m_l   ? 
_diffrn_radiation.pdbx_scattering_type             x-ray 
# 
_diffrn_radiation_wavelength.id           1 
_diffrn_radiation_wavelength.wavelength   0.9795 
_diffrn_radiation_wavelength.wt           1.0 
# 
_diffrn_source.diffrn_id                   1 
_diffrn_source.source                      SYNCHROTRON 
_diffrn_source.type                        'APS BEAMLINE 14-BM-D' 
_diffrn_source.pdbx_wavelength_list        0.9795 
_diffrn_source.pdbx_wavelength             ? 
_diffrn_source.pdbx_synchrotron_site       APS 
_diffrn_source.pdbx_synchrotron_beamline   14-BM-D 
# 
_reflns.entry_id                     1ZF6 
_reflns.d_resolution_low             16.0 
_reflns.d_resolution_high            1.45 
_reflns.number_obs                   8116 
_reflns.percent_possible_obs         93.000 
_reflns.pdbx_Rmerge_I_obs            0.051 
_reflns.pdbx_chi_squared             1.173 
_reflns.pdbx_redundancy              ? 
_reflns.pdbx_scaling_rejects         ? 
_reflns.pdbx_netI_over_sigmaI        28.5 
_reflns.pdbx_Rsym_value              ? 
_reflns.observed_criterion_sigma_F   0 
_reflns.observed_criterion_sigma_I   0 
_reflns.number_all                   ? 
_reflns.B_iso_Wilson_estimate        ? 
_reflns.R_free_details               ? 
_reflns.pdbx_diffrn_id               1 
_reflns.pdbx_ordinal                 1 
# 
_reflns_shell.d_res_low              1.50 
_reflns_shell.d_res_high             1.45 
_reflns_shell.number_measured_obs    439 
_reflns_shell.percent_possible_obs   51.900 
_reflns_shell.Rmerge_I_obs           0.289 
_reflns_shell.pdbx_chi_squared       1.138 
_reflns_shell.pdbx_redundancy        ? 
_reflns_shell.number_unique_obs      ? 
_reflns_shell.meanI_over_sigI_obs    2.71 
_reflns_shell.pdbx_Rsym_value        0.289 
_reflns_shell.percent_possible_all   51.9 
_reflns_shell.number_unique_all      ? 
_reflns_shell.number_measured_all    ? 
_reflns_shell.pdbx_diffrn_id         ? 
_reflns_shell.pdbx_ordinal           1 
# 
_refine.ls_d_res_high                            1.500 
_refine.ls_d_res_low                             15.950 
_refine.ls_percent_reflns_obs                    100.000 
_refine.ls_number_reflns_obs                     6829 
_refine.pdbx_ls_cross_valid_method               THROUGHOUT 
_refine.pdbx_R_Free_selection_details            RANDOM 
_refine.ls_R_factor_all                          0.262 
_refine.ls_R_factor_R_work                       0.256 
_refine.ls_R_factor_R_free                       0.306 
_refine.ls_percent_reflns_R_free                 10.700 
_refine.ls_number_reflns_R_free                  815 
_refine.B_iso_mean                               5.034 
_refine.aniso_B[1][1]                            -0.100 
_refine.aniso_B[2][2]                            0.260 
_refine.aniso_B[3][3]                            -0.160 
_refine.aniso_B[1][2]                            0.000 
_refine.aniso_B[1][3]                            0.000 
_refine.aniso_B[2][3]                            0.000 
_refine.correlation_coeff_Fo_to_Fc               0.829 
_refine.correlation_coeff_Fo_to_Fc_free          0.768 
_refine.pdbx_overall_ESU_R                       0.131 
_refine.pdbx_overall_ESU_R_Free                  0.131 
_refine.overall_SU_ML                            0.100 
_refine.overall_SU_B                             2.622 
_refine.solvent_model_details                    MASK 
_refine.pdbx_solvent_vdw_probe_radii             1.200 
_refine.pdbx_solvent_ion_probe_radii             0.800 
_refine.pdbx_solvent_shrinkage_radii             0.800 
_refine.pdbx_stereochemistry_target_values       'MAXIMUM LIKELIHOOD' 
_refine.entry_id                                 1ZF6 
_refine.pdbx_ls_sigma_F                          0 
_refine.pdbx_ls_sigma_I                          ? 
_refine.ls_number_reflns_all                     ? 
_refine.ls_R_factor_obs                          ? 
_refine.ls_redundancy_reflns_obs                 ? 
_refine.pdbx_data_cutoff_high_absF               ? 
_refine.pdbx_data_cutoff_low_absF                ? 
_refine.ls_number_parameters                     ? 
_refine.ls_number_restraints                     ? 
_refine.ls_R_factor_R_free_error                 ? 
_refine.ls_R_factor_R_free_error_details         ? 
_refine.pdbx_method_to_determine_struct          'MOLECULAR REPLACEMENT' 
_refine.pdbx_starting_model                      'ndb entry AHJ060' 
_refine.pdbx_stereochem_target_val_spec_case     ? 
_refine.solvent_model_param_bsol                 ? 
_refine.solvent_model_param_ksol                 ? 
_refine.occupancy_max                            ? 
_refine.occupancy_min                            ? 
_refine.pdbx_isotropic_thermal_model             ? 
_refine.details                                  'STRUCTURE IS NOT REFINED TO ITS LOWEST R VALUES, REFER TO CITATION.' 
_refine.overall_SU_R_Cruickshank_DPI             ? 
_refine.overall_SU_R_free                        ? 
_refine.pdbx_data_cutoff_high_rms_absF           ? 
_refine.ls_wR_factor_R_free                      ? 
_refine.ls_wR_factor_R_work                      ? 
_refine.overall_FOM_free_R_set                   ? 
_refine.overall_FOM_work_R_set                   ? 
_refine.pdbx_refine_id                           'X-RAY DIFFRACTION' 
_refine.pdbx_diffrn_id                           1 
_refine.pdbx_TLS_residual_ADP_flag               ? 
_refine.pdbx_overall_phase_error                 ? 
_refine.pdbx_overall_SU_R_free_Cruickshank_DPI   ? 
_refine.pdbx_overall_SU_R_Blow_DPI               ? 
_refine.pdbx_overall_SU_R_free_Blow_DPI          ? 
# 
_refine_hist.pdbx_refine_id                   'X-RAY DIFFRACTION' 
_refine_hist.cycle_id                         LAST 
_refine_hist.pdbx_number_atoms_protein        0 
_refine_hist.pdbx_number_atoms_nucleic_acid   404 
_refine_hist.pdbx_number_atoms_ligand         4 
_refine_hist.number_atoms_solvent             116 
_refine_hist.number_atoms_total               524 
_refine_hist.d_res_high                       1.500 
_refine_hist.d_res_low                        15.950 
# 
loop_
_refine_ls_restr.type 
_refine_ls_restr.number 
_refine_ls_restr.dev_ideal 
_refine_ls_restr.dev_ideal_target 
_refine_ls_restr.weight 
_refine_ls_restr.pdbx_refine_id 
_refine_ls_restr.pdbx_restraint_function 
r_bond_refined_d                        452 0.010 0.021 ? 'X-RAY DIFFRACTION' ? 
r_angle_refined_deg                     694 2.786 3.000 ? 'X-RAY DIFFRACTION' ? 
r_chiral_restr                          78  0.112 0.200 ? 'X-RAY DIFFRACTION' ? 
r_gen_planes_refined                    208 0.011 0.020 ? 'X-RAY DIFFRACTION' ? 
r_nbd_refined                           185 0.250 0.200 ? 'X-RAY DIFFRACTION' ? 
r_nbtor_refined                         266 0.322 0.200 ? 'X-RAY DIFFRACTION' ? 
r_xyhbond_nbd_refined                   102 0.228 0.200 ? 'X-RAY DIFFRACTION' ? 
'POTENTIAL METAL-ION REFINED ATOMS (A)' 9   0.084 0.200 ? 'X-RAY DIFFRACTION' ? 
r_symmetry_vdw_refined                  38  0.247 0.200 ? 'X-RAY DIFFRACTION' ? 
r_symmetry_hbond_refined                17  0.142 0.200 ? 'X-RAY DIFFRACTION' ? 
'SYMMETRY METAL-ION REFINED ATOMS  (A)' 1   0.138 0.200 ? 'X-RAY DIFFRACTION' ? 
r_scbond_it                             544 1.151 3.000 ? 'X-RAY DIFFRACTION' ? 
r_scangle_it                            694 1.449 4.500 ? 'X-RAY DIFFRACTION' ? 
# 
_refine_ls_shell.d_res_high                       1.500 
_refine_ls_shell.d_res_low                        1.539 
_refine_ls_shell.pdbx_total_number_of_bins_used   20 
_refine_ls_shell.percent_reflns_obs               100.000 
_refine_ls_shell.number_reflns_R_work             458 
_refine_ls_shell.R_factor_R_work                  0.305 
_refine_ls_shell.R_factor_R_free                  0.386 
_refine_ls_shell.percent_reflns_R_free            ? 
_refine_ls_shell.number_reflns_R_free             57 
_refine_ls_shell.R_factor_R_free_error            ? 
_refine_ls_shell.redundancy_reflns_obs            ? 
_refine_ls_shell.pdbx_refine_id                   'X-RAY DIFFRACTION' 
_refine_ls_shell.number_reflns_all                ? 
_refine_ls_shell.R_factor_all                     ? 
# 
_struct.entry_id                  1ZF6 
_struct.title                     'TGG DUPLEX A-DNA' 
_struct.pdbx_model_details        ? 
_struct.pdbx_CASP_flag            ? 
_struct.pdbx_model_type_details   ? 
# 
_struct_keywords.text            'Crystallographic Screen, DNA Structure, Holliday Junction, Molecular Structure, DNA' 
_struct_keywords.entry_id        1ZF6 
_struct_keywords.pdbx_keywords   DNA 
# 
loop_
_struct_asym.id 
_struct_asym.pdbx_blank_PDB_chainid_flag 
_struct_asym.pdbx_modified 
_struct_asym.entity_id 
_struct_asym.details 
A N N 1 ? 
B N N 1 ? 
C N N 2 ? 
D N N 2 ? 
E N N 2 ? 
F N N 3 ? 
G N N 4 ? 
H N N 4 ? 
# 
_struct_ref.id                         1 
_struct_ref.entity_id                  1 
_struct_ref.db_name                    PDB 
_struct_ref.db_code                    1ZF6 
_struct_ref.pdbx_db_accession          1ZF6 
_struct_ref.pdbx_db_isoform            ? 
_struct_ref.pdbx_seq_one_letter_code   ? 
_struct_ref.pdbx_align_begin           ? 
# 
loop_
_struct_ref_seq.align_id 
_struct_ref_seq.ref_id 
_struct_ref_seq.pdbx_PDB_id_code 
_struct_ref_seq.pdbx_strand_id 
_struct_ref_seq.seq_align_beg 
_struct_ref_seq.pdbx_seq_align_beg_ins_code 
_struct_ref_seq.seq_align_end 
_struct_ref_seq.pdbx_seq_align_end_ins_code 
_struct_ref_seq.pdbx_db_accession 
_struct_ref_seq.db_align_beg 
_struct_ref_seq.pdbx_db_align_beg_ins_code 
_struct_ref_seq.db_align_end 
_struct_ref_seq.pdbx_db_align_end_ins_code 
_struct_ref_seq.pdbx_auth_seq_align_beg 
_struct_ref_seq.pdbx_auth_seq_align_end 
1 1 1ZF6 A 1 ? 10 ? 1ZF6 1  ? 10 ? 1  10 
2 1 1ZF6 B 1 ? 10 ? 1ZF6 11 ? 20 ? 11 20 
# 
_pdbx_struct_assembly.id                   1 
_pdbx_struct_assembly.details              author_defined_assembly 
_pdbx_struct_assembly.method_details       ? 
_pdbx_struct_assembly.oligomeric_details   dimeric 
_pdbx_struct_assembly.oligomeric_count     2 
# 
_pdbx_struct_assembly_gen.assembly_id       1 
_pdbx_struct_assembly_gen.oper_expression   1 
_pdbx_struct_assembly_gen.asym_id_list      A,B,C,D,E,F,G,H 
# 
_pdbx_struct_oper_list.id                   1 
_pdbx_struct_oper_list.type                 'identity operation' 
_pdbx_struct_oper_list.name                 1_555 
_pdbx_struct_oper_list.symmetry_operation   x,y,z 
_pdbx_struct_oper_list.matrix[1][1]         1.0000000000 
_pdbx_struct_oper_list.matrix[1][2]         0.0000000000 
_pdbx_struct_oper_list.matrix[1][3]         0.0000000000 
_pdbx_struct_oper_list.vector[1]            0.0000000000 
_pdbx_struct_oper_list.matrix[2][1]         0.0000000000 
_pdbx_struct_oper_list.matrix[2][2]         1.0000000000 
_pdbx_struct_oper_list.matrix[2][3]         0.0000000000 
_pdbx_struct_oper_list.vector[2]            0.0000000000 
_pdbx_struct_oper_list.matrix[3][1]         0.0000000000 
_pdbx_struct_oper_list.matrix[3][2]         0.0000000000 
_pdbx_struct_oper_list.matrix[3][3]         1.0000000000 
_pdbx_struct_oper_list.vector[3]            0.0000000000 
# 
_struct_biol.id                    1 
_struct_biol.pdbx_parent_biol_id   ? 
_struct_biol.details               ? 
# 
loop_
_struct_conn.id 
_struct_conn.conn_type_id 
_struct_conn.pdbx_leaving_atom_flag 
_struct_conn.pdbx_PDB_id 
_struct_conn.ptnr1_label_asym_id 
_struct_conn.ptnr1_label_comp_id 
_struct_conn.ptnr1_label_seq_id 
_struct_conn.ptnr1_label_atom_id 
_struct_conn.pdbx_ptnr1_label_alt_id 
_struct_conn.pdbx_ptnr1_PDB_ins_code 
_struct_conn.pdbx_ptnr1_standard_comp_id 
_struct_conn.ptnr1_symmetry 
_struct_conn.ptnr2_label_asym_id 
_struct_conn.ptnr2_label_comp_id 
_struct_conn.ptnr2_label_seq_id 
_struct_conn.ptnr2_label_atom_id 
_struct_conn.pdbx_ptnr2_label_alt_id 
_struct_conn.pdbx_ptnr2_PDB_ins_code 
_struct_conn.ptnr1_auth_asym_id 
_struct_conn.ptnr1_auth_comp_id 
_struct_conn.ptnr1_auth_seq_id 
_struct_conn.ptnr2_auth_asym_id 
_struct_conn.ptnr2_auth_comp_id 
_struct_conn.ptnr2_auth_seq_id 
_struct_conn.ptnr2_symmetry 
_struct_conn.pdbx_ptnr3_label_atom_id 
_struct_conn.pdbx_ptnr3_label_seq_id 
_struct_conn.pdbx_ptnr3_label_comp_id 
_struct_conn.pdbx_ptnr3_label_asym_id 
_struct_conn.pdbx_ptnr3_label_alt_id 
_struct_conn.pdbx_ptnr3_PDB_ins_code 
_struct_conn.details 
_struct_conn.pdbx_dist_value 
_struct_conn.pdbx_value_order 
_struct_conn.pdbx_role 
metalc1  metalc ? ? A DC  2  OP1 ? ? ? 1_555 E CA  .  CA  ? ? A DC  2  A CA  25  1_555 ? ? ? ? ? ? ?            2.468 ? ? 
metalc2  metalc ? ? A DG  10 OP1 ? ? ? 1_555 D CA  .  CA  ? ? A DG  10 A CA  24  1_555 ? ? ? ? ? ? ?            2.257 ? ? 
metalc3  metalc ? ? G HOH .  O   ? ? ? 1_555 C CA  .  CA  ? ? A HOH 21 A CA  22  1_555 ? ? ? ? ? ? ?            2.561 ? ? 
metalc4  metalc ? ? C CA  .  CA  ? ? ? 1_555 G HOH .  O   ? ? A CA  22 A HOH 35  1_555 ? ? ? ? ? ? ?            2.339 ? ? 
metalc5  metalc ? ? C CA  .  CA  ? ? ? 1_555 G HOH .  O   ? ? A CA  22 A HOH 36  1_555 ? ? ? ? ? ? ?            2.620 ? ? 
metalc6  metalc ? ? C CA  .  CA  ? ? ? 1_555 G HOH .  O   ? ? A CA  22 A HOH 38  1_555 ? ? ? ? ? ? ?            2.343 ? ? 
metalc7  metalc ? ? C CA  .  CA  ? ? ? 1_555 G HOH .  O   ? ? A CA  22 A HOH 47  1_555 ? ? ? ? ? ? ?            2.292 ? ? 
metalc8  metalc ? ? C CA  .  CA  ? ? ? 1_555 G HOH .  O   ? ? A CA  22 A HOH 50  1_555 ? ? ? ? ? ? ?            2.422 ? ? 
metalc9  metalc ? ? D CA  .  CA  ? ? ? 1_555 G HOH .  O   ? ? A CA  24 A HOH 33  1_555 ? ? ? ? ? ? ?            2.420 ? ? 
metalc10 metalc ? ? D CA  .  CA  ? ? ? 1_555 G HOH .  O   ? ? A CA  24 A HOH 40  1_555 ? ? ? ? ? ? ?            2.453 ? ? 
metalc11 metalc ? ? D CA  .  CA  ? ? ? 1_555 G HOH .  O   ? ? A CA  24 A HOH 52  1_555 ? ? ? ? ? ? ?            2.396 ? ? 
metalc12 metalc ? ? D CA  .  CA  ? ? ? 1_555 G HOH .  O   ? ? A CA  24 A HOH 53  1_555 ? ? ? ? ? ? ?            2.417 ? ? 
metalc13 metalc ? ? D CA  .  CA  ? ? ? 1_555 B DG  10 OP2 ? ? A CA  24 B DG  20  3_545 ? ? ? ? ? ? ?            2.282 ? ? 
metalc14 metalc ? ? E CA  .  CA  ? ? ? 1_555 G HOH .  O   ? ? A CA  25 A HOH 80  1_555 ? ? ? ? ? ? ?            3.335 ? ? 
metalc15 metalc ? ? E CA  .  CA  ? ? ? 1_555 B DC  2  OP1 ? ? A CA  25 B DC  12  1_555 ? ? ? ? ? ? ?            2.341 ? ? 
metalc16 metalc ? ? E CA  .  CA  ? ? ? 1_555 H HOH .  O   ? ? A CA  25 B HOH 42  1_555 ? ? ? ? ? ? ?            2.447 ? ? 
metalc17 metalc ? ? E CA  .  CA  ? ? ? 1_555 H HOH .  O   ? ? A CA  25 B HOH 54  1_555 ? ? ? ? ? ? ?            2.388 ? ? 
metalc18 metalc ? ? E CA  .  CA  ? ? ? 1_555 H HOH .  O   ? ? A CA  25 B HOH 81  1_555 ? ? ? ? ? ? ?            2.724 ? ? 
metalc19 metalc ? ? E CA  .  CA  ? ? ? 1_555 H HOH .  O   ? ? A CA  25 B HOH 100 1_555 ? ? ? ? ? ? ?            3.043 ? ? 
metalc20 metalc ? ? B DG  8  O6  ? ? ? 1_555 F NA  .  NA  ? ? B DG  18 B NA  23  1_555 ? ? ? ? ? ? ?            2.604 ? ? 
metalc21 metalc ? ? F NA  .  NA  ? ? ? 1_555 H HOH .  O   ? ? B NA  23 B HOH 34  1_555 ? ? ? ? ? ? ?            2.475 ? ? 
metalc22 metalc ? ? F NA  .  NA  ? ? ? 1_555 H HOH .  O   ? ? B NA  23 B HOH 77  1_555 ? ? ? ? ? ? ?            2.757 ? ? 
metalc23 metalc ? ? F NA  .  NA  ? ? ? 1_555 H HOH .  O   ? ? B NA  23 B HOH 79  1_555 ? ? ? ? ? ? ?            2.576 ? ? 
metalc24 metalc ? ? F NA  .  NA  ? ? ? 1_555 H HOH .  O   ? ? B NA  23 B HOH 92  1_555 ? ? ? ? ? ? ?            2.782 ? ? 
metalc25 metalc ? ? F NA  .  NA  ? ? ? 1_555 H HOH .  O   ? ? B NA  23 B HOH 133 1_555 ? ? ? ? ? ? ?            2.866 ? ? 
hydrog1  hydrog ? ? A DC  1  N3  ? ? ? 1_555 B DG  10 N1  ? ? A DC  1  B DG  20  1_555 ? ? ? ? ? ? WATSON-CRICK ?     ? ? 
hydrog2  hydrog ? ? A DC  1  N4  ? ? ? 1_555 B DG  10 O6  ? ? A DC  1  B DG  20  1_555 ? ? ? ? ? ? WATSON-CRICK ?     ? ? 
hydrog3  hydrog ? ? A DC  1  O2  ? ? ? 1_555 B DG  10 N2  ? ? A DC  1  B DG  20  1_555 ? ? ? ? ? ? WATSON-CRICK ?     ? ? 
hydrog4  hydrog ? ? A DC  2  N3  ? ? ? 1_555 B DG  9  N1  ? ? A DC  2  B DG  19  1_555 ? ? ? ? ? ? WATSON-CRICK ?     ? ? 
hydrog5  hydrog ? ? A DC  2  N4  ? ? ? 1_555 B DG  9  O6  ? ? A DC  2  B DG  19  1_555 ? ? ? ? ? ? WATSON-CRICK ?     ? ? 
hydrog6  hydrog ? ? A DC  2  O2  ? ? ? 1_555 B DG  9  N2  ? ? A DC  2  B DG  19  1_555 ? ? ? ? ? ? WATSON-CRICK ?     ? ? 
hydrog7  hydrog ? ? A DC  3  N3  ? ? ? 1_555 B DG  8  N1  ? ? A DC  3  B DG  18  1_555 ? ? ? ? ? ? WATSON-CRICK ?     ? ? 
hydrog8  hydrog ? ? A DC  3  N4  ? ? ? 1_555 B DG  8  O6  ? ? A DC  3  B DG  18  1_555 ? ? ? ? ? ? WATSON-CRICK ?     ? ? 
hydrog9  hydrog ? ? A DC  3  O2  ? ? ? 1_555 B DG  8  N2  ? ? A DC  3  B DG  18  1_555 ? ? ? ? ? ? WATSON-CRICK ?     ? ? 
hydrog10 hydrog ? ? A DC  4  N3  ? ? ? 1_555 B DG  7  N1  ? ? A DC  4  B DG  17  1_555 ? ? ? ? ? ? WATSON-CRICK ?     ? ? 
hydrog11 hydrog ? ? A DC  4  N4  ? ? ? 1_555 B DG  7  O6  ? ? A DC  4  B DG  17  1_555 ? ? ? ? ? ? WATSON-CRICK ?     ? ? 
hydrog12 hydrog ? ? A DC  4  O2  ? ? ? 1_555 B DG  7  N2  ? ? A DC  4  B DG  17  1_555 ? ? ? ? ? ? WATSON-CRICK ?     ? ? 
hydrog13 hydrog ? ? A DA  5  N1  ? ? ? 1_555 B DT  6  N3  ? ? A DA  5  B DT  16  1_555 ? ? ? ? ? ? WATSON-CRICK ?     ? ? 
hydrog14 hydrog ? ? A DA  5  N6  ? ? ? 1_555 B DT  6  O4  ? ? A DA  5  B DT  16  1_555 ? ? ? ? ? ? WATSON-CRICK ?     ? ? 
hydrog15 hydrog ? ? A DT  6  N3  ? ? ? 1_555 B DA  5  N1  ? ? A DT  6  B DA  15  1_555 ? ? ? ? ? ? WATSON-CRICK ?     ? ? 
hydrog16 hydrog ? ? A DT  6  O4  ? ? ? 1_555 B DA  5  N6  ? ? A DT  6  B DA  15  1_555 ? ? ? ? ? ? WATSON-CRICK ?     ? ? 
hydrog17 hydrog ? ? A DG  7  N1  ? ? ? 1_555 B DC  4  N3  ? ? A DG  7  B DC  14  1_555 ? ? ? ? ? ? WATSON-CRICK ?     ? ? 
hydrog18 hydrog ? ? A DG  7  N2  ? ? ? 1_555 B DC  4  O2  ? ? A DG  7  B DC  14  1_555 ? ? ? ? ? ? WATSON-CRICK ?     ? ? 
hydrog19 hydrog ? ? A DG  7  O6  ? ? ? 1_555 B DC  4  N4  ? ? A DG  7  B DC  14  1_555 ? ? ? ? ? ? WATSON-CRICK ?     ? ? 
hydrog20 hydrog ? ? A DG  8  N1  ? ? ? 1_555 B DC  3  N3  ? ? A DG  8  B DC  13  1_555 ? ? ? ? ? ? WATSON-CRICK ?     ? ? 
hydrog21 hydrog ? ? A DG  8  N2  ? ? ? 1_555 B DC  3  O2  ? ? A DG  8  B DC  13  1_555 ? ? ? ? ? ? WATSON-CRICK ?     ? ? 
hydrog22 hydrog ? ? A DG  8  O6  ? ? ? 1_555 B DC  3  N4  ? ? A DG  8  B DC  13  1_555 ? ? ? ? ? ? WATSON-CRICK ?     ? ? 
hydrog23 hydrog ? ? A DG  9  N1  ? ? ? 1_555 B DC  2  N3  ? ? A DG  9  B DC  12  1_555 ? ? ? ? ? ? WATSON-CRICK ?     ? ? 
hydrog24 hydrog ? ? A DG  9  N2  ? ? ? 1_555 B DC  2  O2  ? ? A DG  9  B DC  12  1_555 ? ? ? ? ? ? WATSON-CRICK ?     ? ? 
hydrog25 hydrog ? ? A DG  9  O6  ? ? ? 1_555 B DC  2  N4  ? ? A DG  9  B DC  12  1_555 ? ? ? ? ? ? WATSON-CRICK ?     ? ? 
hydrog26 hydrog ? ? A DG  10 N1  ? ? ? 1_555 B DC  1  N3  ? ? A DG  10 B DC  11  1_555 ? ? ? ? ? ? WATSON-CRICK ?     ? ? 
hydrog27 hydrog ? ? A DG  10 N2  ? ? ? 1_555 B DC  1  O2  ? ? A DG  10 B DC  11  1_555 ? ? ? ? ? ? WATSON-CRICK ?     ? ? 
hydrog28 hydrog ? ? A DG  10 O6  ? ? ? 1_555 B DC  1  N4  ? ? A DG  10 B DC  11  1_555 ? ? ? ? ? ? WATSON-CRICK ?     ? ? 
# 
loop_
_struct_conn_type.id 
_struct_conn_type.criteria 
_struct_conn_type.reference 
metalc ? ? 
hydrog ? ? 
# 
loop_
_pdbx_struct_conn_angle.id 
_pdbx_struct_conn_angle.ptnr1_label_atom_id 
_pdbx_struct_conn_angle.ptnr1_label_alt_id 
_pdbx_struct_conn_angle.ptnr1_label_asym_id 
_pdbx_struct_conn_angle.ptnr1_label_comp_id 
_pdbx_struct_conn_angle.ptnr1_label_seq_id 
_pdbx_struct_conn_angle.ptnr1_auth_atom_id 
_pdbx_struct_conn_angle.ptnr1_auth_asym_id 
_pdbx_struct_conn_angle.ptnr1_auth_comp_id 
_pdbx_struct_conn_angle.ptnr1_auth_seq_id 
_pdbx_struct_conn_angle.ptnr1_PDB_ins_code 
_pdbx_struct_conn_angle.ptnr1_symmetry 
_pdbx_struct_conn_angle.ptnr2_label_atom_id 
_pdbx_struct_conn_angle.ptnr2_label_alt_id 
_pdbx_struct_conn_angle.ptnr2_label_asym_id 
_pdbx_struct_conn_angle.ptnr2_label_comp_id 
_pdbx_struct_conn_angle.ptnr2_label_seq_id 
_pdbx_struct_conn_angle.ptnr2_auth_atom_id 
_pdbx_struct_conn_angle.ptnr2_auth_asym_id 
_pdbx_struct_conn_angle.ptnr2_auth_comp_id 
_pdbx_struct_conn_angle.ptnr2_auth_seq_id 
_pdbx_struct_conn_angle.ptnr2_PDB_ins_code 
_pdbx_struct_conn_angle.ptnr2_symmetry 
_pdbx_struct_conn_angle.ptnr3_label_atom_id 
_pdbx_struct_conn_angle.ptnr3_label_alt_id 
_pdbx_struct_conn_angle.ptnr3_label_asym_id 
_pdbx_struct_conn_angle.ptnr3_label_comp_id 
_pdbx_struct_conn_angle.ptnr3_label_seq_id 
_pdbx_struct_conn_angle.ptnr3_auth_atom_id 
_pdbx_struct_conn_angle.ptnr3_auth_asym_id 
_pdbx_struct_conn_angle.ptnr3_auth_comp_id 
_pdbx_struct_conn_angle.ptnr3_auth_seq_id 
_pdbx_struct_conn_angle.ptnr3_PDB_ins_code 
_pdbx_struct_conn_angle.ptnr3_symmetry 
_pdbx_struct_conn_angle.value 
_pdbx_struct_conn_angle.value_esd 
1  OP1 ? A DC  2  ? A DC  2  ? 1_555 CA ? E CA . ? A CA 25 ? 1_555 O   ? G HOH .  ? A HOH 80  ? 1_555 99.0  ? 
2  OP1 ? A DC  2  ? A DC  2  ? 1_555 CA ? E CA . ? A CA 25 ? 1_555 OP1 ? B DC  2  ? B DC  12  ? 1_555 166.4 ? 
3  O   ? G HOH .  ? A HOH 80 ? 1_555 CA ? E CA . ? A CA 25 ? 1_555 OP1 ? B DC  2  ? B DC  12  ? 1_555 94.4  ? 
4  OP1 ? A DC  2  ? A DC  2  ? 1_555 CA ? E CA . ? A CA 25 ? 1_555 O   ? H HOH .  ? B HOH 42  ? 1_555 86.4  ? 
5  O   ? G HOH .  ? A HOH 80 ? 1_555 CA ? E CA . ? A CA 25 ? 1_555 O   ? H HOH .  ? B HOH 42  ? 1_555 152.9 ? 
6  OP1 ? B DC  2  ? B DC  12 ? 1_555 CA ? E CA . ? A CA 25 ? 1_555 O   ? H HOH .  ? B HOH 42  ? 1_555 82.4  ? 
7  OP1 ? A DC  2  ? A DC  2  ? 1_555 CA ? E CA . ? A CA 25 ? 1_555 O   ? H HOH .  ? B HOH 54  ? 1_555 94.2  ? 
8  O   ? G HOH .  ? A HOH 80 ? 1_555 CA ? E CA . ? A CA 25 ? 1_555 O   ? H HOH .  ? B HOH 54  ? 1_555 63.6  ? 
9  OP1 ? B DC  2  ? B DC  12 ? 1_555 CA ? E CA . ? A CA 25 ? 1_555 O   ? H HOH .  ? B HOH 54  ? 1_555 93.5  ? 
10 O   ? H HOH .  ? B HOH 42 ? 1_555 CA ? E CA . ? A CA 25 ? 1_555 O   ? H HOH .  ? B HOH 54  ? 1_555 89.7  ? 
11 OP1 ? A DC  2  ? A DC  2  ? 1_555 CA ? E CA . ? A CA 25 ? 1_555 O   ? H HOH .  ? B HOH 81  ? 1_555 121.0 ? 
12 O   ? G HOH .  ? A HOH 80 ? 1_555 CA ? E CA . ? A CA 25 ? 1_555 O   ? H HOH .  ? B HOH 81  ? 1_555 63.9  ? 
13 OP1 ? B DC  2  ? B DC  12 ? 1_555 CA ? E CA . ? A CA 25 ? 1_555 O   ? H HOH .  ? B HOH 81  ? 1_555 63.8  ? 
14 O   ? H HOH .  ? B HOH 42 ? 1_555 CA ? E CA . ? A CA 25 ? 1_555 O   ? H HOH .  ? B HOH 81  ? 1_555 134.8 ? 
15 O   ? H HOH .  ? B HOH 54 ? 1_555 CA ? E CA . ? A CA 25 ? 1_555 O   ? H HOH .  ? B HOH 81  ? 1_555 119.8 ? 
16 OP1 ? A DC  2  ? A DC  2  ? 1_555 CA ? E CA . ? A CA 25 ? 1_555 O   ? H HOH .  ? B HOH 100 ? 1_555 81.5  ? 
17 O   ? G HOH .  ? A HOH 80 ? 1_555 CA ? E CA . ? A CA 25 ? 1_555 O   ? H HOH .  ? B HOH 100 ? 1_555 157.0 ? 
18 OP1 ? B DC  2  ? B DC  12 ? 1_555 CA ? E CA . ? A CA 25 ? 1_555 O   ? H HOH .  ? B HOH 100 ? 1_555 85.3  ? 
19 O   ? H HOH .  ? B HOH 42 ? 1_555 CA ? E CA . ? A CA 25 ? 1_555 O   ? H HOH .  ? B HOH 100 ? 1_555 49.9  ? 
20 O   ? H HOH .  ? B HOH 54 ? 1_555 CA ? E CA . ? A CA 25 ? 1_555 O   ? H HOH .  ? B HOH 100 ? 1_555 139.4 ? 
21 O   ? H HOH .  ? B HOH 81 ? 1_555 CA ? E CA . ? A CA 25 ? 1_555 O   ? H HOH .  ? B HOH 100 ? 1_555 95.9  ? 
22 OP1 ? A DG  10 ? A DG  10 ? 1_555 CA ? D CA . ? A CA 24 ? 1_555 O   ? G HOH .  ? A HOH 33  ? 1_555 100.5 ? 
23 OP1 ? A DG  10 ? A DG  10 ? 1_555 CA ? D CA . ? A CA 24 ? 1_555 O   ? G HOH .  ? A HOH 40  ? 1_555 158.2 ? 
24 O   ? G HOH .  ? A HOH 33 ? 1_555 CA ? D CA . ? A CA 24 ? 1_555 O   ? G HOH .  ? A HOH 40  ? 1_555 98.3  ? 
25 OP1 ? A DG  10 ? A DG  10 ? 1_555 CA ? D CA . ? A CA 24 ? 1_555 O   ? G HOH .  ? A HOH 52  ? 1_555 81.5  ? 
26 O   ? G HOH .  ? A HOH 33 ? 1_555 CA ? D CA . ? A CA 24 ? 1_555 O   ? G HOH .  ? A HOH 52  ? 1_555 177.7 ? 
27 O   ? G HOH .  ? A HOH 40 ? 1_555 CA ? D CA . ? A CA 24 ? 1_555 O   ? G HOH .  ? A HOH 52  ? 1_555 79.6  ? 
28 OP1 ? A DG  10 ? A DG  10 ? 1_555 CA ? D CA . ? A CA 24 ? 1_555 O   ? G HOH .  ? A HOH 53  ? 1_555 74.2  ? 
29 O   ? G HOH .  ? A HOH 33 ? 1_555 CA ? D CA . ? A CA 24 ? 1_555 O   ? G HOH .  ? A HOH 53  ? 1_555 92.5  ? 
30 O   ? G HOH .  ? A HOH 40 ? 1_555 CA ? D CA . ? A CA 24 ? 1_555 O   ? G HOH .  ? A HOH 53  ? 1_555 94.0  ? 
31 O   ? G HOH .  ? A HOH 52 ? 1_555 CA ? D CA . ? A CA 24 ? 1_555 O   ? G HOH .  ? A HOH 53  ? 1_555 86.7  ? 
32 OP1 ? A DG  10 ? A DG  10 ? 1_555 CA ? D CA . ? A CA 24 ? 1_555 OP2 ? B DG  10 ? B DG  20  ? 3_545 96.3  ? 
33 O   ? G HOH .  ? A HOH 33 ? 1_555 CA ? D CA . ? A CA 24 ? 1_555 OP2 ? B DG  10 ? B DG  20  ? 3_545 93.8  ? 
34 O   ? G HOH .  ? A HOH 40 ? 1_555 CA ? D CA . ? A CA 24 ? 1_555 OP2 ? B DG  10 ? B DG  20  ? 3_545 93.4  ? 
35 O   ? G HOH .  ? A HOH 52 ? 1_555 CA ? D CA . ? A CA 24 ? 1_555 OP2 ? B DG  10 ? B DG  20  ? 3_545 87.3  ? 
36 O   ? G HOH .  ? A HOH 53 ? 1_555 CA ? D CA . ? A CA 24 ? 1_555 OP2 ? B DG  10 ? B DG  20  ? 3_545 169.5 ? 
37 O   ? G HOH .  ? A HOH 21 ? 1_555 CA ? C CA . ? A CA 22 ? 1_555 O   ? G HOH .  ? A HOH 35  ? 1_555 80.6  ? 
38 O   ? G HOH .  ? A HOH 21 ? 1_555 CA ? C CA . ? A CA 22 ? 1_555 O   ? G HOH .  ? A HOH 36  ? 1_555 86.2  ? 
39 O   ? G HOH .  ? A HOH 35 ? 1_555 CA ? C CA . ? A CA 22 ? 1_555 O   ? G HOH .  ? A HOH 36  ? 1_555 85.5  ? 
40 O   ? G HOH .  ? A HOH 21 ? 1_555 CA ? C CA . ? A CA 22 ? 1_555 O   ? G HOH .  ? A HOH 38  ? 1_555 136.8 ? 
41 O   ? G HOH .  ? A HOH 35 ? 1_555 CA ? C CA . ? A CA 22 ? 1_555 O   ? G HOH .  ? A HOH 38  ? 1_555 134.6 ? 
42 O   ? G HOH .  ? A HOH 36 ? 1_555 CA ? C CA . ? A CA 22 ? 1_555 O   ? G HOH .  ? A HOH 38  ? 1_555 75.2  ? 
43 O   ? G HOH .  ? A HOH 21 ? 1_555 CA ? C CA . ? A CA 22 ? 1_555 O   ? G HOH .  ? A HOH 47  ? 1_555 60.1  ? 
44 O   ? G HOH .  ? A HOH 35 ? 1_555 CA ? C CA . ? A CA 22 ? 1_555 O   ? G HOH .  ? A HOH 47  ? 1_555 139.5 ? 
45 O   ? G HOH .  ? A HOH 36 ? 1_555 CA ? C CA . ? A CA 22 ? 1_555 O   ? G HOH .  ? A HOH 47  ? 1_555 82.7  ? 
46 O   ? G HOH .  ? A HOH 38 ? 1_555 CA ? C CA . ? A CA 22 ? 1_555 O   ? G HOH .  ? A HOH 47  ? 1_555 78.8  ? 
47 O   ? G HOH .  ? A HOH 21 ? 1_555 CA ? C CA . ? A CA 22 ? 1_555 O   ? G HOH .  ? A HOH 50  ? 1_555 147.5 ? 
48 O   ? G HOH .  ? A HOH 35 ? 1_555 CA ? C CA . ? A CA 22 ? 1_555 O   ? G HOH .  ? A HOH 50  ? 1_555 69.8  ? 
49 O   ? G HOH .  ? A HOH 36 ? 1_555 CA ? C CA . ? A CA 22 ? 1_555 O   ? G HOH .  ? A HOH 50  ? 1_555 104.0 ? 
50 O   ? G HOH .  ? A HOH 38 ? 1_555 CA ? C CA . ? A CA 22 ? 1_555 O   ? G HOH .  ? A HOH 50  ? 1_555 75.6  ? 
51 O   ? G HOH .  ? A HOH 47 ? 1_555 CA ? C CA . ? A CA 22 ? 1_555 O   ? G HOH .  ? A HOH 50  ? 1_555 150.7 ? 
52 O6  ? B DG  8  ? B DG  18 ? 1_555 NA ? F NA . ? B NA 23 ? 1_555 O   ? H HOH .  ? B HOH 34  ? 1_555 100.7 ? 
53 O6  ? B DG  8  ? B DG  18 ? 1_555 NA ? F NA . ? B NA 23 ? 1_555 O   ? H HOH .  ? B HOH 77  ? 1_555 163.7 ? 
54 O   ? H HOH .  ? B HOH 34 ? 1_555 NA ? F NA . ? B NA 23 ? 1_555 O   ? H HOH .  ? B HOH 77  ? 1_555 82.3  ? 
55 O6  ? B DG  8  ? B DG  18 ? 1_555 NA ? F NA . ? B NA 23 ? 1_555 O   ? H HOH .  ? B HOH 79  ? 1_555 97.1  ? 
56 O   ? H HOH .  ? B HOH 34 ? 1_555 NA ? F NA . ? B NA 23 ? 1_555 O   ? H HOH .  ? B HOH 79  ? 1_555 78.1  ? 
57 O   ? H HOH .  ? B HOH 77 ? 1_555 NA ? F NA . ? B NA 23 ? 1_555 O   ? H HOH .  ? B HOH 79  ? 1_555 67.6  ? 
58 O6  ? B DG  8  ? B DG  18 ? 1_555 NA ? F NA . ? B NA 23 ? 1_555 O   ? H HOH .  ? B HOH 92  ? 1_555 55.0  ? 
59 O   ? H HOH .  ? B HOH 34 ? 1_555 NA ? F NA . ? B NA 23 ? 1_555 O   ? H HOH .  ? B HOH 92  ? 1_555 127.9 ? 
60 O   ? H HOH .  ? B HOH 77 ? 1_555 NA ? F NA . ? B NA 23 ? 1_555 O   ? H HOH .  ? B HOH 92  ? 1_555 110.5 ? 
61 O   ? H HOH .  ? B HOH 79 ? 1_555 NA ? F NA . ? B NA 23 ? 1_555 O   ? H HOH .  ? B HOH 92  ? 1_555 63.1  ? 
62 O6  ? B DG  8  ? B DG  18 ? 1_555 NA ? F NA . ? B NA 23 ? 1_555 O   ? H HOH .  ? B HOH 133 ? 1_555 105.4 ? 
63 O   ? H HOH .  ? B HOH 34 ? 1_555 NA ? F NA . ? B NA 23 ? 1_555 O   ? H HOH .  ? B HOH 133 ? 1_555 151.2 ? 
64 O   ? H HOH .  ? B HOH 77 ? 1_555 NA ? F NA . ? B NA 23 ? 1_555 O   ? H HOH .  ? B HOH 133 ? 1_555 69.3  ? 
65 O   ? H HOH .  ? B HOH 79 ? 1_555 NA ? F NA . ? B NA 23 ? 1_555 O   ? H HOH .  ? B HOH 133 ? 1_555 86.8  ? 
66 O   ? H HOH .  ? B HOH 92 ? 1_555 NA ? F NA . ? B NA 23 ? 1_555 O   ? H HOH .  ? B HOH 133 ? 1_555 62.3  ? 
# 
loop_
_struct_site.id 
_struct_site.pdbx_evidence_code 
_struct_site.pdbx_auth_asym_id 
_struct_site.pdbx_auth_comp_id 
_struct_site.pdbx_auth_seq_id 
_struct_site.pdbx_auth_ins_code 
_struct_site.pdbx_num_residues 
_struct_site.details 
AC1 Software A CA 22 ? 6 'BINDING SITE FOR RESIDUE CA A 22' 
AC2 Software B NA 23 ? 6 'BINDING SITE FOR RESIDUE NA B 23' 
AC3 Software A CA 24 ? 6 'BINDING SITE FOR RESIDUE CA A 24' 
AC4 Software A CA 25 ? 6 'BINDING SITE FOR RESIDUE CA A 25' 
# 
loop_
_struct_site_gen.id 
_struct_site_gen.site_id 
_struct_site_gen.pdbx_num_res 
_struct_site_gen.label_comp_id 
_struct_site_gen.label_asym_id 
_struct_site_gen.label_seq_id 
_struct_site_gen.pdbx_auth_ins_code 
_struct_site_gen.auth_comp_id 
_struct_site_gen.auth_asym_id 
_struct_site_gen.auth_seq_id 
_struct_site_gen.label_atom_id 
_struct_site_gen.label_alt_id 
_struct_site_gen.symmetry 
_struct_site_gen.details 
1  AC1 6 HOH G .  ? HOH A 21  . ? 1_555 ? 
2  AC1 6 HOH G .  ? HOH A 35  . ? 1_555 ? 
3  AC1 6 HOH G .  ? HOH A 36  . ? 1_555 ? 
4  AC1 6 HOH G .  ? HOH A 38  . ? 1_555 ? 
5  AC1 6 HOH G .  ? HOH A 47  . ? 1_555 ? 
6  AC1 6 HOH G .  ? HOH A 50  . ? 1_555 ? 
7  AC2 6 DG  B 8  ? DG  B 18  . ? 1_555 ? 
8  AC2 6 HOH H .  ? HOH B 34  . ? 1_555 ? 
9  AC2 6 HOH H .  ? HOH B 77  . ? 1_555 ? 
10 AC2 6 HOH H .  ? HOH B 79  . ? 1_555 ? 
11 AC2 6 HOH H .  ? HOH B 92  . ? 1_555 ? 
12 AC2 6 HOH H .  ? HOH B 133 . ? 1_555 ? 
13 AC3 6 DG  A 10 ? DG  A 10  . ? 1_555 ? 
14 AC3 6 HOH G .  ? HOH A 33  . ? 1_555 ? 
15 AC3 6 HOH G .  ? HOH A 40  . ? 1_555 ? 
16 AC3 6 HOH G .  ? HOH A 52  . ? 1_555 ? 
17 AC3 6 HOH G .  ? HOH A 53  . ? 1_555 ? 
18 AC3 6 DG  B 10 ? DG  B 20  . ? 3_545 ? 
19 AC4 6 DC  A 2  ? DC  A 2   . ? 1_555 ? 
20 AC4 6 DC  B 2  ? DC  B 12  . ? 1_555 ? 
21 AC4 6 HOH H .  ? HOH B 42  . ? 1_555 ? 
22 AC4 6 HOH H .  ? HOH B 54  . ? 1_555 ? 
23 AC4 6 HOH H .  ? HOH B 81  . ? 1_555 ? 
24 AC4 6 HOH H .  ? HOH B 100 . ? 1_555 ? 
# 
loop_
_pdbx_validate_close_contact.id 
_pdbx_validate_close_contact.PDB_model_num 
_pdbx_validate_close_contact.auth_atom_id_1 
_pdbx_validate_close_contact.auth_asym_id_1 
_pdbx_validate_close_contact.auth_comp_id_1 
_pdbx_validate_close_contact.auth_seq_id_1 
_pdbx_validate_close_contact.PDB_ins_code_1 
_pdbx_validate_close_contact.label_alt_id_1 
_pdbx_validate_close_contact.auth_atom_id_2 
_pdbx_validate_close_contact.auth_asym_id_2 
_pdbx_validate_close_contact.auth_comp_id_2 
_pdbx_validate_close_contact.auth_seq_id_2 
_pdbx_validate_close_contact.PDB_ins_code_2 
_pdbx_validate_close_contact.label_alt_id_2 
_pdbx_validate_close_contact.dist 
1 1 O B HOH 109 ? ? O B HOH 120 ? ? 1.94 
2 1 O B HOH 75  ? ? O B HOH 86  ? ? 2.05 
3 1 O A HOH 47  ? ? O A HOH 67  ? ? 2.10 
# 
_pdbx_validate_symm_contact.id                1 
_pdbx_validate_symm_contact.PDB_model_num     1 
_pdbx_validate_symm_contact.auth_atom_id_1    O 
_pdbx_validate_symm_contact.auth_asym_id_1    A 
_pdbx_validate_symm_contact.auth_comp_id_1    HOH 
_pdbx_validate_symm_contact.auth_seq_id_1     57 
_pdbx_validate_symm_contact.PDB_ins_code_1    ? 
_pdbx_validate_symm_contact.label_alt_id_1    ? 
_pdbx_validate_symm_contact.site_symmetry_1   1_555 
_pdbx_validate_symm_contact.auth_atom_id_2    O 
_pdbx_validate_symm_contact.auth_asym_id_2    B 
_pdbx_validate_symm_contact.auth_comp_id_2    HOH 
_pdbx_validate_symm_contact.auth_seq_id_2     114 
_pdbx_validate_symm_contact.PDB_ins_code_2    ? 
_pdbx_validate_symm_contact.label_alt_id_2    ? 
_pdbx_validate_symm_contact.site_symmetry_2   4_566 
_pdbx_validate_symm_contact.dist              2.12 
# 
_pdbx_validate_rmsd_bond.id                        1 
_pdbx_validate_rmsd_bond.PDB_model_num             1 
_pdbx_validate_rmsd_bond.auth_atom_id_1            "O3'" 
_pdbx_validate_rmsd_bond.auth_asym_id_1            B 
_pdbx_validate_rmsd_bond.auth_comp_id_1            DC 
_pdbx_validate_rmsd_bond.auth_seq_id_1             12 
_pdbx_validate_rmsd_bond.PDB_ins_code_1            ? 
_pdbx_validate_rmsd_bond.label_alt_id_1            ? 
_pdbx_validate_rmsd_bond.auth_atom_id_2            "C3'" 
_pdbx_validate_rmsd_bond.auth_asym_id_2            B 
_pdbx_validate_rmsd_bond.auth_comp_id_2            DC 
_pdbx_validate_rmsd_bond.auth_seq_id_2             12 
_pdbx_validate_rmsd_bond.PDB_ins_code_2            ? 
_pdbx_validate_rmsd_bond.label_alt_id_2            ? 
_pdbx_validate_rmsd_bond.bond_value                1.382 
_pdbx_validate_rmsd_bond.bond_target_value         1.419 
_pdbx_validate_rmsd_bond.bond_deviation            -0.037 
_pdbx_validate_rmsd_bond.bond_standard_deviation   0.006 
_pdbx_validate_rmsd_bond.linker_flag               N 
# 
loop_
_pdbx_validate_rmsd_angle.id 
_pdbx_validate_rmsd_angle.PDB_model_num 
_pdbx_validate_rmsd_angle.auth_atom_id_1 
_pdbx_validate_rmsd_angle.auth_asym_id_1 
_pdbx_validate_rmsd_angle.auth_comp_id_1 
_pdbx_validate_rmsd_angle.auth_seq_id_1 
_pdbx_validate_rmsd_angle.PDB_ins_code_1 
_pdbx_validate_rmsd_angle.label_alt_id_1 
_pdbx_validate_rmsd_angle.auth_atom_id_2 
_pdbx_validate_rmsd_angle.auth_asym_id_2 
_pdbx_validate_rmsd_angle.auth_comp_id_2 
_pdbx_validate_rmsd_angle.auth_seq_id_2 
_pdbx_validate_rmsd_angle.PDB_ins_code_2 
_pdbx_validate_rmsd_angle.label_alt_id_2 
_pdbx_validate_rmsd_angle.auth_atom_id_3 
_pdbx_validate_rmsd_angle.auth_asym_id_3 
_pdbx_validate_rmsd_angle.auth_comp_id_3 
_pdbx_validate_rmsd_angle.auth_seq_id_3 
_pdbx_validate_rmsd_angle.PDB_ins_code_3 
_pdbx_validate_rmsd_angle.label_alt_id_3 
_pdbx_validate_rmsd_angle.angle_value 
_pdbx_validate_rmsd_angle.angle_target_value 
_pdbx_validate_rmsd_angle.angle_deviation 
_pdbx_validate_rmsd_angle.angle_standard_deviation 
_pdbx_validate_rmsd_angle.linker_flag 
1  1 N1    A DC 1  ? ? "C1'" A DC 1  ? ? "C2'" A DC 1  ? ? 101.18 112.60 -11.42 1.90 N 
2  1 "O4'" A DC 1  ? ? "C1'" A DC 1  ? ? N1    A DC 1  ? ? 111.94 108.30 3.64   0.30 N 
3  1 "O4'" A DC 2  ? ? "C1'" A DC 2  ? ? N1    A DC 2  ? ? 110.69 108.30 2.39   0.30 N 
4  1 "C3'" A DC 2  ? ? "O3'" A DC 2  ? ? P     A DC 3  ? ? 110.80 119.70 -8.90  1.20 Y 
5  1 "O4'" A DC 3  ? ? "C1'" A DC 3  ? ? N1    A DC 3  ? ? 111.29 108.30 2.99   0.30 N 
6  1 "O4'" A DC 4  ? ? "C1'" A DC 4  ? ? N1    A DC 4  ? ? 112.85 108.30 4.55   0.30 N 
7  1 N9    A DA 5  ? ? "C1'" A DA 5  ? ? "C2'" A DA 5  ? ? 98.22  112.60 -14.38 1.90 N 
8  1 "O4'" A DA 5  ? ? "C1'" A DA 5  ? ? N9    A DA 5  ? ? 116.82 108.30 8.52   0.30 N 
9  1 "O4'" A DT 6  ? ? "C1'" A DT 6  ? ? N1    A DT 6  ? ? 111.07 108.30 2.77   0.30 N 
10 1 "O4'" A DG 7  ? ? "C1'" A DG 7  ? ? N9    A DG 7  ? ? 113.73 108.30 5.43   0.30 N 
11 1 "O4'" A DG 8  ? ? "C1'" A DG 8  ? ? N9    A DG 8  ? ? 111.85 108.30 3.55   0.30 N 
12 1 "O4'" A DG 9  ? ? "C1'" A DG 9  ? ? N9    A DG 9  ? ? 117.02 108.30 8.72   0.30 N 
13 1 "O4'" B DC 11 ? ? "C1'" B DC 11 ? ? N1    B DC 11 ? ? 111.85 108.30 3.55   0.30 N 
14 1 "O4'" B DC 12 ? ? "C1'" B DC 12 ? ? N1    B DC 12 ? ? 111.71 108.30 3.41   0.30 N 
15 1 "O4'" B DC 13 ? ? "C1'" B DC 13 ? ? "C2'" B DC 13 ? ? 109.92 106.80 3.12   0.50 N 
16 1 "O4'" B DC 13 ? ? "C1'" B DC 13 ? ? N1    B DC 13 ? ? 113.27 108.30 4.97   0.30 N 
17 1 "O4'" B DA 15 ? ? "C1'" B DA 15 ? ? N9    B DA 15 ? ? 112.44 108.30 4.14   0.30 N 
18 1 "O4'" B DT 16 ? ? "C1'" B DT 16 ? ? N1    B DT 16 ? ? 111.77 108.30 3.47   0.30 N 
19 1 "O4'" B DG 17 ? ? "C1'" B DG 17 ? ? N9    B DG 17 ? ? 114.01 108.30 5.71   0.30 N 
20 1 N9    B DG 18 ? ? "C1'" B DG 18 ? ? "C2'" B DG 18 ? ? 96.96  112.60 -15.64 1.90 N 
21 1 "O4'" B DG 18 ? ? "C1'" B DG 18 ? ? N9    B DG 18 ? ? 116.23 108.30 7.93   0.30 N 
22 1 "O4'" B DG 19 ? ? "C1'" B DG 19 ? ? N9    B DG 19 ? ? 111.02 108.30 2.72   0.30 N 
# 
loop_
_chem_comp_atom.comp_id 
_chem_comp_atom.atom_id 
_chem_comp_atom.type_symbol 
_chem_comp_atom.pdbx_aromatic_flag 
_chem_comp_atom.pdbx_stereo_config 
_chem_comp_atom.pdbx_ordinal 
CA  CA     CA N N 1   
DA  OP3    O  N N 2   
DA  P      P  N N 3   
DA  OP1    O  N N 4   
DA  OP2    O  N N 5   
DA  "O5'"  O  N N 6   
DA  "C5'"  C  N N 7   
DA  "C4'"  C  N R 8   
DA  "O4'"  O  N N 9   
DA  "C3'"  C  N S 10  
DA  "O3'"  O  N N 11  
DA  "C2'"  C  N N 12  
DA  "C1'"  C  N R 13  
DA  N9     N  Y N 14  
DA  C8     C  Y N 15  
DA  N7     N  Y N 16  
DA  C5     C  Y N 17  
DA  C6     C  Y N 18  
DA  N6     N  N N 19  
DA  N1     N  Y N 20  
DA  C2     C  Y N 21  
DA  N3     N  Y N 22  
DA  C4     C  Y N 23  
DA  HOP3   H  N N 24  
DA  HOP2   H  N N 25  
DA  "H5'"  H  N N 26  
DA  "H5''" H  N N 27  
DA  "H4'"  H  N N 28  
DA  "H3'"  H  N N 29  
DA  "HO3'" H  N N 30  
DA  "H2'"  H  N N 31  
DA  "H2''" H  N N 32  
DA  "H1'"  H  N N 33  
DA  H8     H  N N 34  
DA  H61    H  N N 35  
DA  H62    H  N N 36  
DA  H2     H  N N 37  
DC  OP3    O  N N 38  
DC  P      P  N N 39  
DC  OP1    O  N N 40  
DC  OP2    O  N N 41  
DC  "O5'"  O  N N 42  
DC  "C5'"  C  N N 43  
DC  "C4'"  C  N R 44  
DC  "O4'"  O  N N 45  
DC  "C3'"  C  N S 46  
DC  "O3'"  O  N N 47  
DC  "C2'"  C  N N 48  
DC  "C1'"  C  N R 49  
DC  N1     N  N N 50  
DC  C2     C  N N 51  
DC  O2     O  N N 52  
DC  N3     N  N N 53  
DC  C4     C  N N 54  
DC  N4     N  N N 55  
DC  C5     C  N N 56  
DC  C6     C  N N 57  
DC  HOP3   H  N N 58  
DC  HOP2   H  N N 59  
DC  "H5'"  H  N N 60  
DC  "H5''" H  N N 61  
DC  "H4'"  H  N N 62  
DC  "H3'"  H  N N 63  
DC  "HO3'" H  N N 64  
DC  "H2'"  H  N N 65  
DC  "H2''" H  N N 66  
DC  "H1'"  H  N N 67  
DC  H41    H  N N 68  
DC  H42    H  N N 69  
DC  H5     H  N N 70  
DC  H6     H  N N 71  
DG  OP3    O  N N 72  
DG  P      P  N N 73  
DG  OP1    O  N N 74  
DG  OP2    O  N N 75  
DG  "O5'"  O  N N 76  
DG  "C5'"  C  N N 77  
DG  "C4'"  C  N R 78  
DG  "O4'"  O  N N 79  
DG  "C3'"  C  N S 80  
DG  "O3'"  O  N N 81  
DG  "C2'"  C  N N 82  
DG  "C1'"  C  N R 83  
DG  N9     N  Y N 84  
DG  C8     C  Y N 85  
DG  N7     N  Y N 86  
DG  C5     C  Y N 87  
DG  C6     C  N N 88  
DG  O6     O  N N 89  
DG  N1     N  N N 90  
DG  C2     C  N N 91  
DG  N2     N  N N 92  
DG  N3     N  N N 93  
DG  C4     C  Y N 94  
DG  HOP3   H  N N 95  
DG  HOP2   H  N N 96  
DG  "H5'"  H  N N 97  
DG  "H5''" H  N N 98  
DG  "H4'"  H  N N 99  
DG  "H3'"  H  N N 100 
DG  "HO3'" H  N N 101 
DG  "H2'"  H  N N 102 
DG  "H2''" H  N N 103 
DG  "H1'"  H  N N 104 
DG  H8     H  N N 105 
DG  H1     H  N N 106 
DG  H21    H  N N 107 
DG  H22    H  N N 108 
DT  OP3    O  N N 109 
DT  P      P  N N 110 
DT  OP1    O  N N 111 
DT  OP2    O  N N 112 
DT  "O5'"  O  N N 113 
DT  "C5'"  C  N N 114 
DT  "C4'"  C  N R 115 
DT  "O4'"  O  N N 116 
DT  "C3'"  C  N S 117 
DT  "O3'"  O  N N 118 
DT  "C2'"  C  N N 119 
DT  "C1'"  C  N R 120 
DT  N1     N  N N 121 
DT  C2     C  N N 122 
DT  O2     O  N N 123 
DT  N3     N  N N 124 
DT  C4     C  N N 125 
DT  O4     O  N N 126 
DT  C5     C  N N 127 
DT  C7     C  N N 128 
DT  C6     C  N N 129 
DT  HOP3   H  N N 130 
DT  HOP2   H  N N 131 
DT  "H5'"  H  N N 132 
DT  "H5''" H  N N 133 
DT  "H4'"  H  N N 134 
DT  "H3'"  H  N N 135 
DT  "HO3'" H  N N 136 
DT  "H2'"  H  N N 137 
DT  "H2''" H  N N 138 
DT  "H1'"  H  N N 139 
DT  H3     H  N N 140 
DT  H71    H  N N 141 
DT  H72    H  N N 142 
DT  H73    H  N N 143 
DT  H6     H  N N 144 
HOH O      O  N N 145 
HOH H1     H  N N 146 
HOH H2     H  N N 147 
NA  NA     NA N N 148 
# 
loop_
_chem_comp_bond.comp_id 
_chem_comp_bond.atom_id_1 
_chem_comp_bond.atom_id_2 
_chem_comp_bond.value_order 
_chem_comp_bond.pdbx_aromatic_flag 
_chem_comp_bond.pdbx_stereo_config 
_chem_comp_bond.pdbx_ordinal 
DA  OP3   P      sing N N 1   
DA  OP3   HOP3   sing N N 2   
DA  P     OP1    doub N N 3   
DA  P     OP2    sing N N 4   
DA  P     "O5'"  sing N N 5   
DA  OP2   HOP2   sing N N 6   
DA  "O5'" "C5'"  sing N N 7   
DA  "C5'" "C4'"  sing N N 8   
DA  "C5'" "H5'"  sing N N 9   
DA  "C5'" "H5''" sing N N 10  
DA  "C4'" "O4'"  sing N N 11  
DA  "C4'" "C3'"  sing N N 12  
DA  "C4'" "H4'"  sing N N 13  
DA  "O4'" "C1'"  sing N N 14  
DA  "C3'" "O3'"  sing N N 15  
DA  "C3'" "C2'"  sing N N 16  
DA  "C3'" "H3'"  sing N N 17  
DA  "O3'" "HO3'" sing N N 18  
DA  "C2'" "C1'"  sing N N 19  
DA  "C2'" "H2'"  sing N N 20  
DA  "C2'" "H2''" sing N N 21  
DA  "C1'" N9     sing N N 22  
DA  "C1'" "H1'"  sing N N 23  
DA  N9    C8     sing Y N 24  
DA  N9    C4     sing Y N 25  
DA  C8    N7     doub Y N 26  
DA  C8    H8     sing N N 27  
DA  N7    C5     sing Y N 28  
DA  C5    C6     sing Y N 29  
DA  C5    C4     doub Y N 30  
DA  C6    N6     sing N N 31  
DA  C6    N1     doub Y N 32  
DA  N6    H61    sing N N 33  
DA  N6    H62    sing N N 34  
DA  N1    C2     sing Y N 35  
DA  C2    N3     doub Y N 36  
DA  C2    H2     sing N N 37  
DA  N3    C4     sing Y N 38  
DC  OP3   P      sing N N 39  
DC  OP3   HOP3   sing N N 40  
DC  P     OP1    doub N N 41  
DC  P     OP2    sing N N 42  
DC  P     "O5'"  sing N N 43  
DC  OP2   HOP2   sing N N 44  
DC  "O5'" "C5'"  sing N N 45  
DC  "C5'" "C4'"  sing N N 46  
DC  "C5'" "H5'"  sing N N 47  
DC  "C5'" "H5''" sing N N 48  
DC  "C4'" "O4'"  sing N N 49  
DC  "C4'" "C3'"  sing N N 50  
DC  "C4'" "H4'"  sing N N 51  
DC  "O4'" "C1'"  sing N N 52  
DC  "C3'" "O3'"  sing N N 53  
DC  "C3'" "C2'"  sing N N 54  
DC  "C3'" "H3'"  sing N N 55  
DC  "O3'" "HO3'" sing N N 56  
DC  "C2'" "C1'"  sing N N 57  
DC  "C2'" "H2'"  sing N N 58  
DC  "C2'" "H2''" sing N N 59  
DC  "C1'" N1     sing N N 60  
DC  "C1'" "H1'"  sing N N 61  
DC  N1    C2     sing N N 62  
DC  N1    C6     sing N N 63  
DC  C2    O2     doub N N 64  
DC  C2    N3     sing N N 65  
DC  N3    C4     doub N N 66  
DC  C4    N4     sing N N 67  
DC  C4    C5     sing N N 68  
DC  N4    H41    sing N N 69  
DC  N4    H42    sing N N 70  
DC  C5    C6     doub N N 71  
DC  C5    H5     sing N N 72  
DC  C6    H6     sing N N 73  
DG  OP3   P      sing N N 74  
DG  OP3   HOP3   sing N N 75  
DG  P     OP1    doub N N 76  
DG  P     OP2    sing N N 77  
DG  P     "O5'"  sing N N 78  
DG  OP2   HOP2   sing N N 79  
DG  "O5'" "C5'"  sing N N 80  
DG  "C5'" "C4'"  sing N N 81  
DG  "C5'" "H5'"  sing N N 82  
DG  "C5'" "H5''" sing N N 83  
DG  "C4'" "O4'"  sing N N 84  
DG  "C4'" "C3'"  sing N N 85  
DG  "C4'" "H4'"  sing N N 86  
DG  "O4'" "C1'"  sing N N 87  
DG  "C3'" "O3'"  sing N N 88  
DG  "C3'" "C2'"  sing N N 89  
DG  "C3'" "H3'"  sing N N 90  
DG  "O3'" "HO3'" sing N N 91  
DG  "C2'" "C1'"  sing N N 92  
DG  "C2'" "H2'"  sing N N 93  
DG  "C2'" "H2''" sing N N 94  
DG  "C1'" N9     sing N N 95  
DG  "C1'" "H1'"  sing N N 96  
DG  N9    C8     sing Y N 97  
DG  N9    C4     sing Y N 98  
DG  C8    N7     doub Y N 99  
DG  C8    H8     sing N N 100 
DG  N7    C5     sing Y N 101 
DG  C5    C6     sing N N 102 
DG  C5    C4     doub Y N 103 
DG  C6    O6     doub N N 104 
DG  C6    N1     sing N N 105 
DG  N1    C2     sing N N 106 
DG  N1    H1     sing N N 107 
DG  C2    N2     sing N N 108 
DG  C2    N3     doub N N 109 
DG  N2    H21    sing N N 110 
DG  N2    H22    sing N N 111 
DG  N3    C4     sing N N 112 
DT  OP3   P      sing N N 113 
DT  OP3   HOP3   sing N N 114 
DT  P     OP1    doub N N 115 
DT  P     OP2    sing N N 116 
DT  P     "O5'"  sing N N 117 
DT  OP2   HOP2   sing N N 118 
DT  "O5'" "C5'"  sing N N 119 
DT  "C5'" "C4'"  sing N N 120 
DT  "C5'" "H5'"  sing N N 121 
DT  "C5'" "H5''" sing N N 122 
DT  "C4'" "O4'"  sing N N 123 
DT  "C4'" "C3'"  sing N N 124 
DT  "C4'" "H4'"  sing N N 125 
DT  "O4'" "C1'"  sing N N 126 
DT  "C3'" "O3'"  sing N N 127 
DT  "C3'" "C2'"  sing N N 128 
DT  "C3'" "H3'"  sing N N 129 
DT  "O3'" "HO3'" sing N N 130 
DT  "C2'" "C1'"  sing N N 131 
DT  "C2'" "H2'"  sing N N 132 
DT  "C2'" "H2''" sing N N 133 
DT  "C1'" N1     sing N N 134 
DT  "C1'" "H1'"  sing N N 135 
DT  N1    C2     sing N N 136 
DT  N1    C6     sing N N 137 
DT  C2    O2     doub N N 138 
DT  C2    N3     sing N N 139 
DT  N3    C4     sing N N 140 
DT  N3    H3     sing N N 141 
DT  C4    O4     doub N N 142 
DT  C4    C5     sing N N 143 
DT  C5    C7     sing N N 144 
DT  C5    C6     doub N N 145 
DT  C7    H71    sing N N 146 
DT  C7    H72    sing N N 147 
DT  C7    H73    sing N N 148 
DT  C6    H6     sing N N 149 
HOH O     H1     sing N N 150 
HOH O     H2     sing N N 151 
# 
loop_
_ndb_struct_conf_na.entry_id 
_ndb_struct_conf_na.feature 
1ZF6 'double helix'        
1ZF6 'a-form double helix' 
# 
loop_
_ndb_struct_na_base_pair.model_number 
_ndb_struct_na_base_pair.i_label_asym_id 
_ndb_struct_na_base_pair.i_label_comp_id 
_ndb_struct_na_base_pair.i_label_seq_id 
_ndb_struct_na_base_pair.i_symmetry 
_ndb_struct_na_base_pair.j_label_asym_id 
_ndb_struct_na_base_pair.j_label_comp_id 
_ndb_struct_na_base_pair.j_label_seq_id 
_ndb_struct_na_base_pair.j_symmetry 
_ndb_struct_na_base_pair.shear 
_ndb_struct_na_base_pair.stretch 
_ndb_struct_na_base_pair.stagger 
_ndb_struct_na_base_pair.buckle 
_ndb_struct_na_base_pair.propeller 
_ndb_struct_na_base_pair.opening 
_ndb_struct_na_base_pair.pair_number 
_ndb_struct_na_base_pair.pair_name 
_ndb_struct_na_base_pair.i_auth_asym_id 
_ndb_struct_na_base_pair.i_auth_seq_id 
_ndb_struct_na_base_pair.i_PDB_ins_code 
_ndb_struct_na_base_pair.j_auth_asym_id 
_ndb_struct_na_base_pair.j_auth_seq_id 
_ndb_struct_na_base_pair.j_PDB_ins_code 
_ndb_struct_na_base_pair.hbond_type_28 
_ndb_struct_na_base_pair.hbond_type_12 
1 A DC 1  1_555 B DG 10 1_555 0.168  -0.238 -0.859 13.236  -1.842  -4.271 1  A_DC1:DG20_B  A 1  ? B 20 ? 19 1 
1 A DC 2  1_555 B DG 9  1_555 0.055  -0.288 -0.247 12.201  -2.926  -4.728 2  A_DC2:DG19_B  A 2  ? B 19 ? 19 1 
1 A DC 3  1_555 B DG 8  1_555 0.125  -0.300 -0.696 1.292   -10.017 -0.270 3  A_DC3:DG18_B  A 3  ? B 18 ? 19 1 
1 A DC 4  1_555 B DG 7  1_555 0.331  -0.359 -0.277 -12.466 -1.100  -3.159 4  A_DC4:DG17_B  A 4  ? B 17 ? 19 1 
1 A DA 5  1_555 B DT 6  1_555 0.196  -0.263 -0.149 -4.037  1.681   -1.141 5  A_DA5:DT16_B  A 5  ? B 16 ? 20 1 
1 A DT 6  1_555 B DA 5  1_555 0.062  -0.227 -0.534 -1.535  2.675   2.684  6  A_DT6:DA15_B  A 6  ? B 15 ? 20 1 
1 A DG 7  1_555 B DC 4  1_555 -0.118 -0.252 -0.643 -10.342 -5.084  -4.261 7  A_DG7:DC14_B  A 7  ? B 14 ? 19 1 
1 A DG 8  1_555 B DC 3  1_555 -0.038 -0.262 -0.674 -9.989  -3.265  -1.665 8  A_DG8:DC13_B  A 8  ? B 13 ? 19 1 
1 A DG 9  1_555 B DC 2  1_555 0.046  -0.200 -0.393 -8.987  -3.780  -4.895 9  A_DG9:DC12_B  A 9  ? B 12 ? 19 1 
1 A DG 10 1_555 B DC 1  1_555 -0.234 -0.176 -0.390 -7.850  0.097   -1.395 10 A_DG10:DC11_B A 10 ? B 11 ? 19 1 
# 
loop_
_ndb_struct_na_base_pair_step.model_number 
_ndb_struct_na_base_pair_step.i_label_asym_id_1 
_ndb_struct_na_base_pair_step.i_label_comp_id_1 
_ndb_struct_na_base_pair_step.i_label_seq_id_1 
_ndb_struct_na_base_pair_step.i_symmetry_1 
_ndb_struct_na_base_pair_step.j_label_asym_id_1 
_ndb_struct_na_base_pair_step.j_label_comp_id_1 
_ndb_struct_na_base_pair_step.j_label_seq_id_1 
_ndb_struct_na_base_pair_step.j_symmetry_1 
_ndb_struct_na_base_pair_step.i_label_asym_id_2 
_ndb_struct_na_base_pair_step.i_label_comp_id_2 
_ndb_struct_na_base_pair_step.i_label_seq_id_2 
_ndb_struct_na_base_pair_step.i_symmetry_2 
_ndb_struct_na_base_pair_step.j_label_asym_id_2 
_ndb_struct_na_base_pair_step.j_label_comp_id_2 
_ndb_struct_na_base_pair_step.j_label_seq_id_2 
_ndb_struct_na_base_pair_step.j_symmetry_2 
_ndb_struct_na_base_pair_step.shift 
_ndb_struct_na_base_pair_step.slide 
_ndb_struct_na_base_pair_step.rise 
_ndb_struct_na_base_pair_step.tilt 
_ndb_struct_na_base_pair_step.roll 
_ndb_struct_na_base_pair_step.twist 
_ndb_struct_na_base_pair_step.x_displacement 
_ndb_struct_na_base_pair_step.y_displacement 
_ndb_struct_na_base_pair_step.helical_rise 
_ndb_struct_na_base_pair_step.inclination 
_ndb_struct_na_base_pair_step.tip 
_ndb_struct_na_base_pair_step.helical_twist 
_ndb_struct_na_base_pair_step.step_number 
_ndb_struct_na_base_pair_step.step_name 
_ndb_struct_na_base_pair_step.i_auth_asym_id_1 
_ndb_struct_na_base_pair_step.i_auth_seq_id_1 
_ndb_struct_na_base_pair_step.i_PDB_ins_code_1 
_ndb_struct_na_base_pair_step.j_auth_asym_id_1 
_ndb_struct_na_base_pair_step.j_auth_seq_id_1 
_ndb_struct_na_base_pair_step.j_PDB_ins_code_1 
_ndb_struct_na_base_pair_step.i_auth_asym_id_2 
_ndb_struct_na_base_pair_step.i_auth_seq_id_2 
_ndb_struct_na_base_pair_step.i_PDB_ins_code_2 
_ndb_struct_na_base_pair_step.j_auth_asym_id_2 
_ndb_struct_na_base_pair_step.j_auth_seq_id_2 
_ndb_struct_na_base_pair_step.j_PDB_ins_code_2 
1 A DC 1 1_555 B DG 10 1_555 A DC 2  1_555 B DG 9 1_555 -0.507 -1.684 3.332 -10.520 14.019 31.522 -4.616 -0.595 2.437 23.657 
17.752 35.959 1 AA_DC1DC2:DG19DG20_BB  A 1 ? B 20 ? A 2  ? B 19 ? 
1 A DC 2 1_555 B DG 9  1_555 A DC 3  1_555 B DG 8 1_555 0.625  -1.441 3.681 4.276   3.402  33.635 -3.065 -0.307 3.573 5.832  
-7.330 34.063 2 AA_DC2DC3:DG18DG19_BB  A 2 ? B 19 ? A 3  ? B 18 ? 
1 A DC 3 1_555 B DG 8  1_555 A DC 4  1_555 B DG 7 1_555 -0.991 -1.423 3.670 -4.181  24.491 33.433 -4.666 0.947  2.264 36.911 6.301 
41.442 3 AA_DC3DC4:DG17DG18_BB  A 3 ? B 18 ? A 4  ? B 17 ? 
1 A DC 4 1_555 B DG 7  1_555 A DA 5  1_555 B DT 6 1_555 0.950  -1.327 3.110 1.692   17.237 24.573 -5.547 -1.543 1.860 35.422 
-3.477 29.986 4 AA_DC4DA5:DT16DG17_BB  A 4 ? B 17 ? A 5  ? B 16 ? 
1 A DA 5 1_555 B DT 6  1_555 A DT 6  1_555 B DA 5 1_555 0.317  -1.673 3.329 1.224   4.358  32.065 -3.758 -0.356 3.090 7.841  
-2.202 32.374 5 AA_DA5DT6:DA15DT16_BB  A 5 ? B 16 ? A 6  ? B 15 ? 
1 A DT 6 1_555 B DA 5  1_555 A DG 7  1_555 B DC 4 1_555 -0.541 -1.266 3.639 1.051   17.287 26.728 -5.499 1.182  2.379 33.320 
-2.027 31.763 6 AA_DT6DG7:DC14DA15_BB  A 6 ? B 15 ? A 7  ? B 14 ? 
1 A DG 7 1_555 B DC 4  1_555 A DG 8  1_555 B DC 3 1_555 0.704  -1.393 3.445 1.905   12.238 29.523 -4.702 -0.940 2.708 22.792 
-3.548 31.962 7 AA_DG7DG8:DC13DC14_BB  A 7 ? B 14 ? A 8  ? B 13 ? 
1 A DG 8 1_555 B DC 3  1_555 A DG 9  1_555 B DC 2 1_555 0.418  -1.520 3.448 3.976   7.279  27.947 -4.623 0.043  2.995 14.667 
-8.012 29.128 8 AA_DG8DG9:DC12DC13_BB  A 8 ? B 13 ? A 9  ? B 12 ? 
1 A DG 9 1_555 B DC 2  1_555 A DG 10 1_555 B DC 1 1_555 0.474  -1.650 3.446 4.783   -0.161 34.717 -2.716 -0.023 3.485 -0.268 
-7.968 35.035 9 AA_DG9DG10:DC11DC12_BB A 9 ? B 12 ? A 10 ? B 11 ? 
# 
_pdbx_initial_refinement_model.accession_code   100D 
_pdbx_initial_refinement_model.id               1 
_pdbx_initial_refinement_model.entity_id_list   ? 
_pdbx_initial_refinement_model.type             'experimental model' 
_pdbx_initial_refinement_model.source_name      PDB 
_pdbx_initial_refinement_model.details          'ndb entry AHJ060' 
# 
_atom_sites.entry_id                    1ZF6 
_atom_sites.fract_transf_matrix[1][1]   -0.03173425 
_atom_sites.fract_transf_matrix[1][2]   -0.01848508 
_atom_sites.fract_transf_matrix[1][3]   -0.01486550 
_atom_sites.fract_transf_matrix[2][1]   -0.00736323 
_atom_sites.fract_transf_matrix[2][2]   -0.00544313 
_atom_sites.fract_transf_matrix[2][3]   0.02248719 
_atom_sites.fract_transf_matrix[3][1]   -0.01162533 
_atom_sites.fract_transf_matrix[3][2]   0.01926829 
_atom_sites.fract_transf_matrix[3][3]   0.00085737 
_atom_sites.fract_transf_vector[1]      0.138913 
_atom_sites.fract_transf_vector[2]      0.954266 
_atom_sites.fract_transf_vector[3]      0.293028 
# 
loop_
_atom_type.symbol 
C  
CA 
N  
NA 
O  
P  
# 
loop_
_atom_site.group_PDB 
_atom_site.id 
_atom_site.type_symbol 
_atom_site.label_atom_id 
_atom_site.label_alt_id 
_atom_site.label_comp_id 
_atom_site.label_asym_id 
_atom_site.label_entity_id 
_atom_site.label_seq_id 
_atom_site.pdbx_PDB_ins_code 
_atom_site.Cartn_x 
_atom_site.Cartn_y 
_atom_site.Cartn_z 
_atom_site.occupancy 
_atom_site.B_iso_or_equiv 
_atom_site.pdbx_formal_charge 
_atom_site.auth_seq_id 
_atom_site.auth_comp_id 
_atom_site.auth_asym_id 
_atom_site.auth_atom_id 
_atom_site.pdbx_PDB_model_num 
ATOM   1   O  "O5'" . DC  A 1 1  ? 7.292   -5.049  7.959   1.00 11.51 ? 1   DC  A "O5'" 1 
ATOM   2   C  "C5'" . DC  A 1 1  ? 7.098   -3.862  8.739   1.00 8.25  ? 1   DC  A "C5'" 1 
ATOM   3   C  "C4'" . DC  A 1 1  ? 5.787   -3.878  9.522   1.00 7.41  ? 1   DC  A "C4'" 1 
ATOM   4   O  "O4'" . DC  A 1 1  ? 5.769   -2.694  10.374  1.00 6.02  ? 1   DC  A "O4'" 1 
ATOM   5   C  "C3'" . DC  A 1 1  ? 4.513   -3.862  8.668   1.00 7.41  ? 1   DC  A "C3'" 1 
ATOM   6   O  "O3'" . DC  A 1 1  ? 3.475   -4.777  9.038   1.00 4.47  ? 1   DC  A "O3'" 1 
ATOM   7   C  "C2'" . DC  A 1 1  ? 3.926   -2.490  8.884   1.00 5.89  ? 1   DC  A "C2'" 1 
ATOM   8   C  "C1'" . DC  A 1 1  ? 4.516   -2.059  10.217  1.00 6.40  ? 1   DC  A "C1'" 1 
ATOM   9   N  N1    . DC  A 1 1  ? 4.654   -0.641  10.016  1.00 5.97  ? 1   DC  A N1    1 
ATOM   10  C  C2    . DC  A 1 1  ? 3.987   0.253   10.862  1.00 3.78  ? 1   DC  A C2    1 
ATOM   11  O  O2    . DC  A 1 1  ? 3.319   -0.167  11.817  1.00 4.23  ? 1   DC  A O2    1 
ATOM   12  N  N3    . DC  A 1 1  ? 4.119   1.580   10.612  1.00 3.94  ? 1   DC  A N3    1 
ATOM   13  C  C4    . DC  A 1 1  ? 4.856   1.997   9.570   1.00 4.75  ? 1   DC  A C4    1 
ATOM   14  N  N4    . DC  A 1 1  ? 4.974   3.307   9.356   1.00 4.84  ? 1   DC  A N4    1 
ATOM   15  C  C5    . DC  A 1 1  ? 5.540   1.098   8.699   1.00 5.53  ? 1   DC  A C5    1 
ATOM   16  C  C6    . DC  A 1 1  ? 5.394   -0.206  8.948   1.00 5.88  ? 1   DC  A C6    1 
ATOM   17  P  P     . DC  A 1 2  ? 2.153   -4.875  8.123   1.00 4.78  ? 2   DC  A P     1 
ATOM   18  O  OP1   . DC  A 1 2  ? 1.746   -6.298  8.170   1.00 6.77  ? 2   DC  A OP1   1 
ATOM   19  O  OP2   . DC  A 1 2  ? 2.432   -4.233  6.820   1.00 6.54  ? 2   DC  A OP2   1 
ATOM   20  O  "O5'" . DC  A 1 2  ? 1.083   -4.017  8.929   1.00 4.08  ? 2   DC  A "O5'" 1 
ATOM   21  C  "C5'" . DC  A 1 2  ? 0.740   -4.453  10.245  1.00 6.07  ? 2   DC  A "C5'" 1 
ATOM   22  C  "C4'" . DC  A 1 2  ? -0.484  -3.689  10.664  1.00 5.87  ? 2   DC  A "C4'" 1 
ATOM   23  O  "O4'" . DC  A 1 2  ? 0.032   -2.395  11.033  1.00 5.34  ? 2   DC  A "O4'" 1 
ATOM   24  C  "C3'" . DC  A 1 2  ? -1.450  -3.490  9.500   1.00 6.76  ? 2   DC  A "C3'" 1 
ATOM   25  O  "O3'" . DC  A 1 2  ? -2.741  -4.061  9.559   1.00 5.02  ? 2   DC  A "O3'" 1 
ATOM   26  C  "C2'" . DC  A 1 2  ? -1.626  -1.996  9.367   1.00 6.99  ? 2   DC  A "C2'" 1 
ATOM   27  C  "C1'" . DC  A 1 2  ? -0.836  -1.414  10.510  1.00 5.92  ? 2   DC  A "C1'" 1 
ATOM   28  N  N1    . DC  A 1 2  ? -0.075  -0.309  9.924   1.00 3.00  ? 2   DC  A N1    1 
ATOM   29  C  C2    . DC  A 1 2  ? -0.561  0.989   10.122  1.00 2.35  ? 2   DC  A C2    1 
ATOM   30  O  O2    . DC  A 1 2  ? -1.588  1.149   10.798  1.00 2.68  ? 2   DC  A O2    1 
ATOM   31  N  N3    . DC  A 1 2  ? 0.129   2.010   9.563   1.00 3.09  ? 2   DC  A N3    1 
ATOM   32  C  C4    . DC  A 1 2  ? 1.230   1.774   8.844   1.00 4.48  ? 2   DC  A C4    1 
ATOM   33  N  N4    . DC  A 1 2  ? 1.885   2.830   8.329   1.00 4.51  ? 2   DC  A N4    1 
ATOM   34  C  C5    . DC  A 1 2  ? 1.725   0.450   8.621   1.00 4.38  ? 2   DC  A C5    1 
ATOM   35  C  C6    . DC  A 1 2  ? 1.040   -0.554  9.171   1.00 4.21  ? 2   DC  A C6    1 
ATOM   36  P  P     . DC  A 1 3  ? -3.448  -4.019  8.120   1.00 4.06  ? 3   DC  A P     1 
ATOM   37  O  OP1   . DC  A 1 3  ? -4.480  -5.090  8.109   1.00 5.09  ? 3   DC  A OP1   1 
ATOM   38  O  OP2   . DC  A 1 3  ? -2.392  -4.064  7.095   1.00 5.66  ? 3   DC  A OP2   1 
ATOM   39  O  "O5'" . DC  A 1 3  ? -4.209  -2.603  8.016   1.00 2.22  ? 3   DC  A "O5'" 1 
ATOM   40  C  "C5'" . DC  A 1 3  ? -5.342  -2.338  8.839   1.00 2.00  ? 3   DC  A "C5'" 1 
ATOM   41  C  "C4'" . DC  A 1 3  ? -5.712  -0.870  8.826   1.00 2.00  ? 3   DC  A "C4'" 1 
ATOM   42  O  "O4'" . DC  A 1 3  ? -4.533  -0.084  9.110   1.00 2.00  ? 3   DC  A "O4'" 1 
ATOM   43  C  "C3'" . DC  A 1 3  ? -6.130  -0.385  7.458   1.00 3.32  ? 3   DC  A "C3'" 1 
ATOM   44  O  "O3'" . DC  A 1 3  ? -7.496  -0.576  7.283   1.00 2.90  ? 3   DC  A "O3'" 1 
ATOM   45  C  "C2'" . DC  A 1 3  ? -5.837  1.106   7.512   1.00 3.95  ? 3   DC  A "C2'" 1 
ATOM   46  C  "C1'" . DC  A 1 3  ? -4.667  1.176   8.475   1.00 2.39  ? 3   DC  A "C1'" 1 
ATOM   47  N  N1    . DC  A 1 3  ? -3.462  1.517   7.703   1.00 2.00  ? 3   DC  A N1    1 
ATOM   48  C  C2    . DC  A 1 3  ? -3.220  2.876   7.432   1.00 2.00  ? 3   DC  A C2    1 
ATOM   49  O  O2    . DC  A 1 3  ? -3.998  3.743   7.857   1.00 2.00  ? 3   DC  A O2    1 
ATOM   50  N  N3    . DC  A 1 3  ? -2.112  3.194   6.727   1.00 2.00  ? 3   DC  A N3    1 
ATOM   51  C  C4    . DC  A 1 3  ? -1.288  2.242   6.275   1.00 3.02  ? 3   DC  A C4    1 
ATOM   52  N  N4    . DC  A 1 3  ? -0.228  2.644   5.570   1.00 2.03  ? 3   DC  A N4    1 
ATOM   53  C  C5    . DC  A 1 3  ? -1.518  0.856   6.518   1.00 2.00  ? 3   DC  A C5    1 
ATOM   54  C  C6    . DC  A 1 3  ? -2.618  0.541   7.232   1.00 2.00  ? 3   DC  A C6    1 
ATOM   55  P  P     . DC  A 1 4  ? -8.141  -0.401  5.860   1.00 2.00  ? 4   DC  A P     1 
ATOM   56  O  OP1   . DC  A 1 4  ? -9.522  -0.901  6.007   1.00 2.92  ? 4   DC  A OP1   1 
ATOM   57  O  OP2   . DC  A 1 4  ? -7.198  -0.965  4.848   1.00 2.00  ? 4   DC  A OP2   1 
ATOM   58  O  "O5'" . DC  A 1 4  ? -8.189  1.175   5.618   1.00 2.45  ? 4   DC  A "O5'" 1 
ATOM   59  C  "C5'" . DC  A 1 4  ? -9.201  2.014   6.243   1.00 2.38  ? 4   DC  A "C5'" 1 
ATOM   60  C  "C4'" . DC  A 1 4  ? -9.388  3.267   5.401   1.00 3.25  ? 4   DC  A "C4'" 1 
ATOM   61  O  "O4'" . DC  A 1 4  ? -8.186  4.057   5.497   1.00 2.81  ? 4   DC  A "O4'" 1 
ATOM   62  C  "C3'" . DC  A 1 4  ? -9.499  2.863   3.945   1.00 2.65  ? 4   DC  A "C3'" 1 
ATOM   63  O  "O3'" . DC  A 1 4  ? -10.749 3.120   3.356   1.00 5.10  ? 4   DC  A "O3'" 1 
ATOM   64  C  "C2'" . DC  A 1 4  ? -8.420  3.606   3.192   1.00 6.29  ? 4   DC  A "C2'" 1 
ATOM   65  C  "C1'" . DC  A 1 4  ? -7.750  4.482   4.221   1.00 3.60  ? 4   DC  A "C1'" 1 
ATOM   66  N  N1    . DC  A 1 4  ? -6.319  4.230   3.993   1.00 2.36  ? 4   DC  A N1    1 
ATOM   67  C  C2    . DC  A 1 4  ? -5.530  5.135   3.256   1.00 2.26  ? 4   DC  A C2    1 
ATOM   68  O  O2    . DC  A 1 4  ? -6.022  6.202   2.807   1.00 2.00  ? 4   DC  A O2    1 
ATOM   69  N  N3    . DC  A 1 4  ? -4.227  4.790   3.069   1.00 2.00  ? 4   DC  A N3    1 
ATOM   70  C  C4    . DC  A 1 4  ? -3.724  3.645   3.564   1.00 3.35  ? 4   DC  A C4    1 
ATOM   71  N  N4    . DC  A 1 4  ? -2.432  3.368   3.363   1.00 2.00  ? 4   DC  A N4    1 
ATOM   72  C  C5    . DC  A 1 4  ? -4.518  2.716   4.287   1.00 2.64  ? 4   DC  A C5    1 
ATOM   73  C  C6    . DC  A 1 4  ? -5.803  3.043   4.462   1.00 2.00  ? 4   DC  A C6    1 
ATOM   74  P  P     . DA  A 1 5  ? -11.140 2.185   2.122   1.00 3.19  ? 5   DA  A P     1 
ATOM   75  O  OP1   . DA  A 1 5  ? -12.613 2.107   2.112   1.00 4.60  ? 5   DA  A OP1   1 
ATOM   76  O  OP2   . DA  A 1 5  ? -10.325 0.951   2.172   1.00 5.57  ? 5   DA  A OP2   1 
ATOM   77  O  "O5'" . DA  A 1 5  ? -10.729 2.948   0.771   1.00 5.08  ? 5   DA  A "O5'" 1 
ATOM   78  C  "C5'" . DA  A 1 5  ? -9.608  3.757   0.681   1.00 7.35  ? 5   DA  A "C5'" 1 
ATOM   79  C  "C4'" . DA  A 1 5  ? -9.127  4.199   -0.681  1.00 4.75  ? 5   DA  A "C4'" 1 
ATOM   80  O  "O4'" . DA  A 1 5  ? -7.878  4.807   -0.278  1.00 3.62  ? 5   DA  A "O4'" 1 
ATOM   81  C  "C3'" . DA  A 1 5  ? -8.804  3.157   -1.756  1.00 4.81  ? 5   DA  A "C3'" 1 
ATOM   82  O  "O3'" . DA  A 1 5  ? -9.236  3.506   -3.061  1.00 3.42  ? 5   DA  A "O3'" 1 
ATOM   83  C  "C2'" . DA  A 1 5  ? -7.309  3.204   -1.894  1.00 5.23  ? 5   DA  A "C2'" 1 
ATOM   84  C  "C1'" . DA  A 1 5  ? -6.830  4.402   -1.095  1.00 3.87  ? 5   DA  A "C1'" 1 
ATOM   85  N  N9    . DA  A 1 5  ? -5.695  3.775   -0.442  1.00 5.17  ? 5   DA  A N9    1 
ATOM   86  C  C8    . DA  A 1 5  ? -5.653  2.701   0.413   1.00 3.34  ? 5   DA  A C8    1 
ATOM   87  N  N7    . DA  A 1 5  ? -4.430  2.330   0.722   1.00 4.66  ? 5   DA  A N7    1 
ATOM   88  C  C5    . DA  A 1 5  ? -3.635  3.204   -0.014  1.00 3.56  ? 5   DA  A C5    1 
ATOM   89  C  C6    . DA  A 1 5  ? -2.238  3.375   -0.150  1.00 4.82  ? 5   DA  A C6    1 
ATOM   90  N  N6    . DA  A 1 5  ? -1.346  2.614   0.484   1.00 2.00  ? 5   DA  A N6    1 
ATOM   91  N  N1    . DA  A 1 5  ? -1.791  4.344   -0.975  1.00 4.82  ? 5   DA  A N1    1 
ATOM   92  C  C2    . DA  A 1 5  ? -2.670  5.121   -1.622  1.00 6.28  ? 5   DA  A C2    1 
ATOM   93  N  N3    . DA  A 1 5  ? -4.004  5.068   -1.568  1.00 6.40  ? 5   DA  A N3    1 
ATOM   94  C  C4    . DA  A 1 5  ? -4.411  4.078   -0.748  1.00 5.07  ? 5   DA  A C4    1 
ATOM   95  P  P     . DT  A 1 6  ? -8.796  2.650   -4.351  1.00 2.91  ? 6   DT  A P     1 
ATOM   96  O  OP1   . DT  A 1 6  ? -9.853  2.866   -5.373  1.00 3.83  ? 6   DT  A OP1   1 
ATOM   97  O  OP2   . DT  A 1 6  ? -8.441  1.268   -3.907  1.00 2.00  ? 6   DT  A OP2   1 
ATOM   98  O  "O5'" . DT  A 1 6  ? -7.449  3.368   -4.821  1.00 5.80  ? 6   DT  A "O5'" 1 
ATOM   99  C  "C5'" . DT  A 1 6  ? -7.409  4.737   -5.220  1.00 5.64  ? 6   DT  A "C5'" 1 
ATOM   100 C  "C4'" . DT  A 1 6  ? -6.135  4.957   -6.004  1.00 5.88  ? 6   DT  A "C4'" 1 
ATOM   101 O  "O4'" . DT  A 1 6  ? -5.054  5.048   -5.051  1.00 4.07  ? 6   DT  A "O4'" 1 
ATOM   102 C  "C3'" . DT  A 1 6  ? -5.794  3.763   -6.891  1.00 6.48  ? 6   DT  A "C3'" 1 
ATOM   103 O  "O3'" . DT  A 1 6  ? -6.124  3.937   -8.246  1.00 7.27  ? 6   DT  A "O3'" 1 
ATOM   104 C  "C2'" . DT  A 1 6  ? -4.288  3.599   -6.786  1.00 6.63  ? 6   DT  A "C2'" 1 
ATOM   105 C  "C1'" . DT  A 1 6  ? -3.905  4.401   -5.561  1.00 5.25  ? 6   DT  A "C1'" 1 
ATOM   106 N  N1    . DT  A 1 6  ? -3.363  3.446   -4.589  1.00 3.59  ? 6   DT  A N1    1 
ATOM   107 C  C2    . DT  A 1 6  ? -1.988  3.358   -4.460  1.00 3.60  ? 6   DT  A C2    1 
ATOM   108 O  O2    . DT  A 1 6  ? -1.230  4.058   -5.099  1.00 2.28  ? 6   DT  A O2    1 
ATOM   109 N  N3    . DT  A 1 6  ? -1.570  2.425   -3.544  1.00 2.91  ? 6   DT  A N3    1 
ATOM   110 C  C4    . DT  A 1 6  ? -2.368  1.590   -2.769  1.00 5.34  ? 6   DT  A C4    1 
ATOM   111 O  O4    . DT  A 1 6  ? -1.878  0.799   -1.965  1.00 5.08  ? 6   DT  A O4    1 
ATOM   112 C  C5    . DT  A 1 6  ? -3.793  1.726   -2.968  1.00 4.14  ? 6   DT  A C5    1 
ATOM   113 C  C7    . DT  A 1 6  ? -4.753  0.740   -2.382  1.00 2.79  ? 6   DT  A C7    1 
ATOM   114 C  C6    . DT  A 1 6  ? -4.210  2.634   -3.856  1.00 3.32  ? 6   DT  A C6    1 
ATOM   115 P  P     . DG  A 1 7  ? -5.860  2.670   -9.179  1.00 5.91  ? 7   DG  A P     1 
ATOM   116 O  OP1   . DG  A 1 7  ? -6.541  2.968   -10.453 1.00 5.88  ? 7   DG  A OP1   1 
ATOM   117 O  OP2   . DG  A 1 7  ? -6.213  1.431   -8.447  1.00 4.11  ? 7   DG  A OP2   1 
ATOM   118 O  "O5'" . DG  A 1 7  ? -4.293  2.685   -9.467  1.00 6.17  ? 7   DG  A "O5'" 1 
ATOM   119 C  "C5'" . DG  A 1 7  ? -3.698  3.681   -10.294 1.00 5.87  ? 7   DG  A "C5'" 1 
ATOM   120 C  "C4'" . DG  A 1 7  ? -2.278  3.263   -10.574 1.00 5.72  ? 7   DG  A "C4'" 1 
ATOM   121 O  "O4'" . DG  A 1 7  ? -1.536  3.401   -9.341  1.00 4.21  ? 7   DG  A "O4'" 1 
ATOM   122 C  "C3'" . DG  A 1 7  ? -2.163  1.784   -10.937 1.00 6.70  ? 7   DG  A "C3'" 1 
ATOM   123 O  "O3'" . DG  A 1 7  ? -2.060  1.512   -12.324 1.00 4.56  ? 7   DG  A "O3'" 1 
ATOM   124 C  "C2'" . DG  A 1 7  ? -0.848  1.364   -10.316 1.00 6.51  ? 7   DG  A "C2'" 1 
ATOM   125 C  "C1'" . DG  A 1 7  ? -0.571  2.389   -9.234  1.00 4.14  ? 7   DG  A "C1'" 1 
ATOM   126 N  N9    . DG  A 1 7  ? -0.692  1.592   -8.031  1.00 2.48  ? 7   DG  A N9    1 
ATOM   127 C  C8    . DG  A 1 7  ? -1.826  1.208   -7.362  1.00 2.05  ? 7   DG  A C8    1 
ATOM   128 N  N7    . DG  A 1 7  ? -1.573  0.424   -6.350  1.00 2.15  ? 7   DG  A N7    1 
ATOM   129 C  C5    . DG  A 1 7  ? -0.191  0.267   -6.376  1.00 2.00  ? 7   DG  A C5    1 
ATOM   130 C  C6    . DG  A 1 7  ? 0.678   -0.469  -5.536  1.00 2.55  ? 7   DG  A C6    1 
ATOM   131 O  O6    . DG  A 1 7  ? 0.367   -1.162  -4.549  1.00 2.00  ? 7   DG  A O6    1 
ATOM   132 N  N1    . DG  A 1 7  ? 2.019   -0.346  -5.947  1.00 2.00  ? 7   DG  A N1    1 
ATOM   133 C  C2    . DG  A 1 7  ? 2.455   0.379   -7.034  1.00 2.00  ? 7   DG  A C2    1 
ATOM   134 N  N2    . DG  A 1 7  ? 3.762   0.399   -7.303  1.00 2.23  ? 7   DG  A N2    1 
ATOM   135 N  N3    . DG  A 1 7  ? 1.641   1.074   -7.817  1.00 2.00  ? 7   DG  A N3    1 
ATOM   136 C  C4    . DG  A 1 7  ? 0.351   0.965   -7.424  1.00 2.00  ? 7   DG  A C4    1 
ATOM   137 P  P     . DG  A 1 8  ? -2.335  0.005   -12.808 1.00 8.58  ? 8   DG  A P     1 
ATOM   138 O  OP1   . DG  A 1 8  ? -2.587  0.021   -14.260 1.00 7.11  ? 8   DG  A OP1   1 
ATOM   139 O  OP2   . DG  A 1 8  ? -3.333  -0.565  -11.894 1.00 6.83  ? 8   DG  A OP2   1 
ATOM   140 O  "O5'" . DG  A 1 8  ? -0.951  -0.747  -12.551 1.00 5.41  ? 8   DG  A "O5'" 1 
ATOM   141 C  "C5'" . DG  A 1 8  ? 0.261   -0.211  -13.059 1.00 4.73  ? 8   DG  A "C5'" 1 
ATOM   142 C  "C4'" . DG  A 1 8  ? 1.412   -1.070  -12.604 1.00 5.16  ? 8   DG  A "C4'" 1 
ATOM   143 O  "O4'" . DG  A 1 8  ? 1.618   -0.838  -11.186 1.00 4.66  ? 8   DG  A "O4'" 1 
ATOM   144 C  "C3'" . DG  A 1 8  ? 1.201   -2.566  -12.805 1.00 5.00  ? 8   DG  A "C3'" 1 
ATOM   145 O  "O3'" . DG  A 1 8  ? 1.865   -3.021  -13.990 1.00 3.81  ? 8   DG  A "O3'" 1 
ATOM   146 C  "C2'" . DG  A 1 8  ? 1.865   -3.192  -11.587 1.00 4.92  ? 8   DG  A "C2'" 1 
ATOM   147 C  "C1'" . DG  A 1 8  ? 2.078   -2.040  -10.608 1.00 3.17  ? 8   DG  A "C1'" 1 
ATOM   148 N  N9    . DG  A 1 8  ? 1.320   -2.396  -9.439  1.00 2.11  ? 8   DG  A N9    1 
ATOM   149 C  C8    . DG  A 1 8  ? -0.018  -2.187  -9.224  1.00 2.72  ? 8   DG  A C8    1 
ATOM   150 N  N7    . DG  A 1 8  ? -0.397  -2.672  -8.075  1.00 2.00  ? 8   DG  A N7    1 
ATOM   151 C  C5    . DG  A 1 8  ? 0.729   -3.261  -7.522  1.00 3.00  ? 8   DG  A C5    1 
ATOM   152 C  C6    . DG  A 1 8  ? 0.923   -3.959  -6.304  1.00 2.52  ? 8   DG  A C6    1 
ATOM   153 O  O6    . DG  A 1 8  ? 0.091   -4.215  -5.424  1.00 2.44  ? 8   DG  A O6    1 
ATOM   154 N  N1    . DG  A 1 8  ? 2.246   -4.386  -6.136  1.00 2.15  ? 8   DG  A N1    1 
ATOM   155 C  C2    . DG  A 1 8  ? 3.256   -4.173  -7.049  1.00 2.00  ? 8   DG  A C2    1 
ATOM   156 N  N2    . DG  A 1 8  ? 4.485   -4.661  -6.743  1.00 2.16  ? 8   DG  A N2    1 
ATOM   157 N  N3    . DG  A 1 8  ? 3.073   -3.522  -8.192  1.00 2.00  ? 8   DG  A N3    1 
ATOM   158 C  C4    . DG  A 1 8  ? 1.803   -3.100  -8.367  1.00 2.00  ? 8   DG  A C4    1 
ATOM   159 P  P     . DG  A 1 9  ? 1.638   -4.530  -14.542 1.00 6.22  ? 9   DG  A P     1 
ATOM   160 O  OP1   . DG  A 1 9  ? 2.277   -4.645  -15.869 1.00 6.16  ? 9   DG  A OP1   1 
ATOM   161 O  OP2   . DG  A 1 9  ? 0.217   -4.866  -14.393 1.00 5.58  ? 9   DG  A OP2   1 
ATOM   162 O  "O5'" . DG  A 1 9  ? 2.416   -5.503  -13.536 1.00 6.71  ? 9   DG  A "O5'" 1 
ATOM   163 C  "C5'" . DG  A 1 9  ? 3.802   -5.518  -13.306 1.00 7.62  ? 9   DG  A "C5'" 1 
ATOM   164 C  "C4'" . DG  A 1 9  ? 4.165   -6.532  -12.226 1.00 6.56  ? 9   DG  A "C4'" 1 
ATOM   165 O  "O4'" . DG  A 1 9  ? 3.605   -6.080  -10.950 1.00 6.67  ? 9   DG  A "O4'" 1 
ATOM   166 C  "C3'" . DG  A 1 9  ? 3.699   -7.978  -12.466 1.00 6.17  ? 9   DG  A "C3'" 1 
ATOM   167 O  "O3'" . DG  A 1 9  ? 4.714   -8.984  -12.360 1.00 3.70  ? 9   DG  A "O3'" 1 
ATOM   168 C  "C2'" . DG  A 1 9  ? 2.676   -8.173  -11.365 1.00 6.18  ? 9   DG  A "C2'" 1 
ATOM   169 C  "C1'" . DG  A 1 9  ? 3.206   -7.250  -10.271 1.00 5.26  ? 9   DG  A "C1'" 1 
ATOM   170 N  N9    . DG  A 1 9  ? 2.076   -7.137  -9.378  1.00 4.22  ? 9   DG  A N9    1 
ATOM   171 C  C8    . DG  A 1 9  ? 0.830   -6.633  -9.682  1.00 3.93  ? 9   DG  A C8    1 
ATOM   172 N  N7    . DG  A 1 9  ? -0.015  -6.729  -8.706  1.00 2.10  ? 9   DG  A N7    1 
ATOM   173 C  C5    . DG  A 1 9  ? 0.702   -7.376  -7.707  1.00 2.28  ? 9   DG  A C5    1 
ATOM   174 C  C6    . DG  A 1 9  ? 0.294   -7.751  -6.407  1.00 3.30  ? 9   DG  A C6    1 
ATOM   175 O  O6    . DG  A 1 9  ? -0.828  -7.571  -5.903  1.00 4.46  ? 9   DG  A O6    1 
ATOM   176 N  N1    . DG  A 1 9  ? 1.323   -8.368  -5.679  1.00 2.32  ? 9   DG  A N1    1 
ATOM   177 C  C2    . DG  A 1 9  ? 2.597   -8.596  -6.166  1.00 2.67  ? 9   DG  A C2    1 
ATOM   178 N  N2    . DG  A 1 9  ? 3.437   -9.204  -5.324  1.00 2.34  ? 9   DG  A N2    1 
ATOM   179 N  N3    . DG  A 1 9  ? 2.992   -8.250  -7.396  1.00 3.72  ? 9   DG  A N3    1 
ATOM   180 C  C4    . DG  A 1 9  ? 1.999   -7.635  -8.099  1.00 3.56  ? 9   DG  A C4    1 
ATOM   181 P  P     . DG  A 1 10 ? 4.410   -10.532 -12.605 1.00 2.34  ? 10  DG  A P     1 
ATOM   182 O  OP1   . DG  A 1 10 ? 5.582   -11.088 -13.324 1.00 2.00  ? 10  DG  A OP1   1 
ATOM   183 O  OP2   . DG  A 1 10 ? 3.041   -10.688 -13.169 1.00 2.00  ? 10  DG  A OP2   1 
ATOM   184 O  "O5'" . DG  A 1 10 ? 4.362   -11.134 -11.110 1.00 2.00  ? 10  DG  A "O5'" 1 
ATOM   185 C  "C5'" . DG  A 1 10 ? 5.516   -11.297 -10.294 1.00 2.40  ? 10  DG  A "C5'" 1 
ATOM   186 C  "C4'" . DG  A 1 10 ? 5.185   -12.221 -9.136  1.00 2.00  ? 10  DG  A "C4'" 1 
ATOM   187 O  "O4'" . DG  A 1 10 ? 4.262   -11.482 -8.310  1.00 2.00  ? 10  DG  A "O4'" 1 
ATOM   188 C  "C3'" . DG  A 1 10 ? 4.456   -13.536 -9.415  1.00 2.00  ? 10  DG  A "C3'" 1 
ATOM   189 O  "O3'" . DG  A 1 10 ? 5.355   -14.621 -9.596  1.00 3.14  ? 10  DG  A "O3'" 1 
ATOM   190 C  "C2'" . DG  A 1 10 ? 3.649   -13.784 -8.159  1.00 2.96  ? 10  DG  A "C2'" 1 
ATOM   191 C  "C1'" . DG  A 1 10 ? 3.536   -12.409 -7.520  1.00 2.00  ? 10  DG  A "C1'" 1 
ATOM   192 N  N9    . DG  A 1 10 ? 2.156   -11.949 -7.484  1.00 2.00  ? 10  DG  A N9    1 
ATOM   193 C  C8    . DG  A 1 10 ? 1.412   -11.400 -8.493  1.00 2.00  ? 10  DG  A C8    1 
ATOM   194 N  N7    . DG  A 1 10 ? 0.198   -11.101 -8.138  1.00 2.00  ? 10  DG  A N7    1 
ATOM   195 C  C5    . DG  A 1 10 ? 0.150   -11.449 -6.786  1.00 2.00  ? 10  DG  A C5    1 
ATOM   196 C  C6    . DG  A 1 10 ? -0.905  -11.362 -5.844  1.00 2.00  ? 10  DG  A C6    1 
ATOM   197 O  O6    . DG  A 1 10 ? -2.030  -10.901 -6.012  1.00 2.22  ? 10  DG  A O6    1 
ATOM   198 N  N1    . DG  A 1 10 ? -0.547  -11.825 -4.568  1.00 2.00  ? 10  DG  A N1    1 
ATOM   199 C  C2    . DG  A 1 10 ? 0.692   -12.343 -4.263  1.00 2.00  ? 10  DG  A C2    1 
ATOM   200 N  N2    . DG  A 1 10 ? 0.857   -12.758 -3.000  1.00 2.00  ? 10  DG  A N2    1 
ATOM   201 N  N3    . DG  A 1 10 ? 1.685   -12.451 -5.141  1.00 2.00  ? 10  DG  A N3    1 
ATOM   202 C  C4    . DG  A 1 10 ? 1.347   -11.981 -6.372  1.00 2.00  ? 10  DG  A C4    1 
ATOM   203 O  "O5'" . DC  B 1 1  ? -6.101  -11.932 3.957   1.00 8.61  ? 11  DC  B "O5'" 1 
ATOM   204 C  "C5'" . DC  B 1 1  ? -5.248  -11.060 3.219   1.00 6.32  ? 11  DC  B "C5'" 1 
ATOM   205 C  "C4'" . DC  B 1 1  ? -3.883  -11.692 3.036   1.00 4.92  ? 11  DC  B "C4'" 1 
ATOM   206 O  "O4'" . DC  B 1 1  ? -3.885  -12.542 1.857   1.00 4.32  ? 11  DC  B "O4'" 1 
ATOM   207 C  "C3'" . DC  B 1 1  ? -2.769  -10.661 2.866   1.00 4.84  ? 11  DC  B "C3'" 1 
ATOM   208 O  "O3'" . DC  B 1 1  ? -1.738  -10.776 3.795   1.00 3.31  ? 11  DC  B "O3'" 1 
ATOM   209 C  "C2'" . DC  B 1 1  ? -2.139  -10.946 1.528   1.00 6.21  ? 11  DC  B "C2'" 1 
ATOM   210 C  "C1'" . DC  B 1 1  ? -2.777  -12.224 1.030   1.00 4.66  ? 11  DC  B "C1'" 1 
ATOM   211 N  N1    . DC  B 1 1  ? -3.190  -11.878 -0.317  1.00 2.00  ? 11  DC  B N1    1 
ATOM   212 C  C2    . DC  B 1 1  ? -2.276  -12.093 -1.360  1.00 2.00  ? 11  DC  B C2    1 
ATOM   213 O  O2    . DC  B 1 1  ? -1.167  -12.610 -1.126  1.00 2.00  ? 11  DC  B O2    1 
ATOM   214 N  N3    . DC  B 1 1  ? -2.656  -11.747 -2.611  1.00 2.00  ? 11  DC  B N3    1 
ATOM   215 C  C4    . DC  B 1 1  ? -3.841  -11.192 -2.852  1.00 3.06  ? 11  DC  B C4    1 
ATOM   216 N  N4    . DC  B 1 1  ? -4.151  -10.887 -4.118  1.00 3.25  ? 11  DC  B N4    1 
ATOM   217 C  C5    . DC  B 1 1  ? -4.775  -10.965 -1.797  1.00 2.00  ? 11  DC  B C5    1 
ATOM   218 C  C6    . DC  B 1 1  ? -4.407  -11.304 -0.557  1.00 2.33  ? 11  DC  B C6    1 
ATOM   219 P  P     . DC  B 1 2  ? -0.712  -9.546  3.822   1.00 2.75  ? 12  DC  B P     1 
ATOM   220 O  OP1   . DC  B 1 2  ? -0.168  -9.510  5.198   1.00 3.01  ? 12  DC  B OP1   1 
ATOM   221 O  OP2   . DC  B 1 2  ? -1.352  -8.346  3.217   1.00 5.08  ? 12  DC  B OP2   1 
ATOM   222 O  "O5'" . DC  B 1 2  ? 0.456   -10.053 2.852   1.00 2.00  ? 12  DC  B "O5'" 1 
ATOM   223 C  "C5'" . DC  B 1 2  ? 1.264   -11.187 3.199   1.00 2.41  ? 12  DC  B "C5'" 1 
ATOM   224 C  "C4'" . DC  B 1 2  ? 2.390   -11.196 2.205   1.00 3.60  ? 12  DC  B "C4'" 1 
ATOM   225 O  "O4'" . DC  B 1 2  ? 1.848   -11.495 0.893   1.00 3.34  ? 12  DC  B "O4'" 1 
ATOM   226 C  "C3'" . DC  B 1 2  ? 2.947   -9.785  2.164   1.00 3.28  ? 12  DC  B "C3'" 1 
ATOM   227 O  "O3'" . DC  B 1 2  ? 4.252   -9.769  2.617   1.00 3.00  ? 12  DC  B "O3'" 1 
ATOM   228 C  "C2'" . DC  B 1 2  ? 2.884   -9.354  0.714   1.00 5.44  ? 12  DC  B "C2'" 1 
ATOM   229 C  "C1'" . DC  B 1 2  ? 2.400   -10.583 -0.036  1.00 3.42  ? 12  DC  B "C1'" 1 
ATOM   230 N  N1    . DC  B 1 2  ? 1.380   -10.031 -0.921  1.00 2.00  ? 12  DC  B N1    1 
ATOM   231 C  C2    . DC  B 1 2  ? 1.696   -9.844  -2.261  1.00 2.00  ? 12  DC  B C2    1 
ATOM   232 O  O2    . DC  B 1 2  ? 2.827   -10.184 -2.667  1.00 2.00  ? 12  DC  B O2    1 
ATOM   233 N  N3    . DC  B 1 2  ? 0.745   -9.294  -3.052  1.00 2.00  ? 12  DC  B N3    1 
ATOM   234 C  C4    . DC  B 1 2  ? -0.446  -8.943  -2.534  1.00 2.00  ? 12  DC  B C4    1 
ATOM   235 N  N4    . DC  B 1 2  ? -1.360  -8.406  -3.335  1.00 3.05  ? 12  DC  B N4    1 
ATOM   236 C  C5    . DC  B 1 2  ? -0.769  -9.108  -1.156  1.00 2.00  ? 12  DC  B C5    1 
ATOM   237 C  C6    . DC  B 1 2  ? 0.171   -9.647  -0.400  1.00 2.00  ? 12  DC  B C6    1 
ATOM   238 P  P     . DC  B 1 3  ? 4.930   -8.342  2.852   1.00 4.28  ? 13  DC  B P     1 
ATOM   239 O  OP1   . DC  B 1 3  ? 6.051   -8.665  3.782   1.00 5.87  ? 13  DC  B OP1   1 
ATOM   240 O  OP2   . DC  B 1 3  ? 3.985   -7.238  3.146   1.00 5.42  ? 13  DC  B OP2   1 
ATOM   241 O  "O5'" . DC  B 1 3  ? 5.505   -8.052  1.398   1.00 2.52  ? 13  DC  B "O5'" 1 
ATOM   242 C  "C5'" . DC  B 1 3  ? 6.462   -8.908  0.798   1.00 3.28  ? 13  DC  B "C5'" 1 
ATOM   243 C  "C4'" . DC  B 1 3  ? 6.965   -8.241  -0.463  1.00 3.78  ? 13  DC  B "C4'" 1 
ATOM   244 O  "O4'" . DC  B 1 3  ? 5.994   -8.448  -1.529  1.00 2.54  ? 13  DC  B "O4'" 1 
ATOM   245 C  "C3'" . DC  B 1 3  ? 7.059   -6.748  -0.184  1.00 4.35  ? 13  DC  B "C3'" 1 
ATOM   246 O  "O3'" . DC  B 1 3  ? 8.387   -6.278  -0.102  1.00 2.43  ? 13  DC  B "O3'" 1 
ATOM   247 C  "C2'" . DC  B 1 3  ? 6.329   -6.079  -1.323  1.00 4.89  ? 13  DC  B "C2'" 1 
ATOM   248 C  "C1'" . DC  B 1 3  ? 5.830   -7.217  -2.199  1.00 2.66  ? 13  DC  B "C1'" 1 
ATOM   249 N  N1    . DC  B 1 3  ? 4.419   -6.876  -2.452  1.00 2.00  ? 13  DC  B N1    1 
ATOM   250 C  C2    . DC  B 1 3  ? 4.090   -6.391  -3.722  1.00 2.08  ? 13  DC  B C2    1 
ATOM   251 O  O2    . DC  B 1 3  ? 4.990   -6.330  -4.569  1.00 3.26  ? 13  DC  B O2    1 
ATOM   252 N  N3    . DC  B 1 3  ? 2.799   -6.034  -3.965  1.00 2.25  ? 13  DC  B N3    1 
ATOM   253 C  C4    . DC  B 1 3  ? 1.900   -6.140  -2.979  1.00 2.00  ? 13  DC  B C4    1 
ATOM   254 N  N4    . DC  B 1 3  ? 0.636   -5.795  -3.229  1.00 2.00  ? 13  DC  B N4    1 
ATOM   255 C  C5    . DC  B 1 3  ? 2.242   -6.611  -1.671  1.00 2.00  ? 13  DC  B C5    1 
ATOM   256 C  C6    . DC  B 1 3  ? 3.501   -6.956  -1.451  1.00 2.00  ? 13  DC  B C6    1 
ATOM   257 P  P     . DC  B 1 4  ? 8.603   -4.795  0.479   1.00 3.80  ? 14  DC  B P     1 
ATOM   258 O  OP1   . DC  B 1 4  ? 10.010  -4.773  0.948   1.00 3.55  ? 14  DC  B OP1   1 
ATOM   259 O  OP2   . DC  B 1 4  ? 7.515   -4.396  1.394   1.00 3.04  ? 14  DC  B OP2   1 
ATOM   260 O  "O5'" . DC  B 1 4  ? 8.512   -3.958  -0.855  1.00 3.07  ? 14  DC  B "O5'" 1 
ATOM   261 C  "C5'" . DC  B 1 4  ? 9.600   -3.957  -1.766  1.00 2.79  ? 14  DC  B "C5'" 1 
ATOM   262 C  "C4'" . DC  B 1 4  ? 9.282   -2.927  -2.824  1.00 4.33  ? 14  DC  B "C4'" 1 
ATOM   263 O  "O4'" . DC  B 1 4  ? 8.156   -3.424  -3.580  1.00 2.33  ? 14  DC  B "O4'" 1 
ATOM   264 C  "C3'" . DC  B 1 4  ? 8.791   -1.589  -2.288  1.00 5.37  ? 14  DC  B "C3'" 1 
ATOM   265 O  "O3'" . DC  B 1 4  ? 9.868   -0.789  -1.803  1.00 6.50  ? 14  DC  B "O3'" 1 
ATOM   266 C  "C2'" . DC  B 1 4  ? 8.087   -1.026  -3.517  1.00 4.93  ? 14  DC  B "C2'" 1 
ATOM   267 C  "C1'" . DC  B 1 4  ? 7.486   -2.299  -4.113  1.00 3.79  ? 14  DC  B "C1'" 1 
ATOM   268 N  N1    . DC  B 1 4  ? 6.042   -2.413  -3.813  1.00 2.81  ? 14  DC  B N1    1 
ATOM   269 C  C2    . DC  B 1 4  ? 5.131   -1.919  -4.754  1.00 2.00  ? 14  DC  B C2    1 
ATOM   270 O  O2    . DC  B 1 4  ? 5.552   -1.408  -5.803  1.00 2.00  ? 14  DC  B O2    1 
ATOM   271 N  N3    . DC  B 1 4  ? 3.808   -2.026  -4.468  1.00 2.00  ? 14  DC  B N3    1 
ATOM   272 C  C4    . DC  B 1 4  ? 3.384   -2.574  -3.332  1.00 2.00  ? 14  DC  B C4    1 
ATOM   273 N  N4    . DC  B 1 4  ? 2.054   -2.634  -3.113  1.00 2.85  ? 14  DC  B N4    1 
ATOM   274 C  C5    . DC  B 1 4  ? 4.301   -3.070  -2.349  1.00 2.00  ? 14  DC  B C5    1 
ATOM   275 C  C6    . DC  B 1 4  ? 5.607   -2.977  -2.638  1.00 2.00  ? 14  DC  B C6    1 
ATOM   276 P  P     . DA  B 1 5  ? 9.593   0.416   -0.793  1.00 8.42  ? 15  DA  B P     1 
ATOM   277 O  OP1   . DA  B 1 5  ? 10.910  0.896   -0.294  1.00 4.65  ? 15  DA  B OP1   1 
ATOM   278 O  OP2   . DA  B 1 5  ? 8.572   -0.052  0.168   1.00 4.25  ? 15  DA  B OP2   1 
ATOM   279 O  "O5'" . DA  B 1 5  ? 8.898   1.553   -1.682  1.00 8.24  ? 15  DA  B "O5'" 1 
ATOM   280 C  "C5'" . DA  B 1 5  ? 9.492   2.041   -2.875  1.00 6.88  ? 15  DA  B "C5'" 1 
ATOM   281 C  "C4'" . DA  B 1 5  ? 8.503   2.969   -3.553  1.00 5.25  ? 15  DA  B "C4'" 1 
ATOM   282 O  "O4'" . DA  B 1 5  ? 7.425   2.139   -4.086  1.00 3.52  ? 15  DA  B "O4'" 1 
ATOM   283 C  "C3'" . DA  B 1 5  ? 7.852   3.922   -2.556  1.00 5.83  ? 15  DA  B "C3'" 1 
ATOM   284 O  "O3'" . DA  B 1 5  ? 8.368   5.250   -2.549  1.00 6.92  ? 15  DA  B "O3'" 1 
ATOM   285 C  "C2'" . DA  B 1 5  ? 6.401   3.973   -2.988  1.00 6.18  ? 15  DA  B "C2'" 1 
ATOM   286 C  "C1'" . DA  B 1 5  ? 6.203   2.843   -3.973  1.00 3.30  ? 15  DA  B "C1'" 1 
ATOM   287 N  N9    . DA  B 1 5  ? 5.151   2.034   -3.397  1.00 2.01  ? 15  DA  B N9    1 
ATOM   288 C  C8    . DA  B 1 5  ? 5.293   1.040   -2.475  1.00 2.00  ? 15  DA  B C8    1 
ATOM   289 N  N7    . DA  B 1 5  ? 4.160   0.496   -2.091  1.00 2.00  ? 15  DA  B N7    1 
ATOM   290 C  C5    . DA  B 1 5  ? 3.211   1.208   -2.814  1.00 2.00  ? 15  DA  B C5    1 
ATOM   291 C  C6    . DA  B 1 5  ? 1.801   1.130   -2.881  1.00 2.02  ? 15  DA  B C6    1 
ATOM   292 N  N6    . DA  B 1 5  ? 1.083   0.258   -2.185  1.00 2.04  ? 15  DA  B N6    1 
ATOM   293 N  N1    . DA  B 1 5  ? 1.162   1.996   -3.699  1.00 2.00  ? 15  DA  B N1    1 
ATOM   294 C  C2    . DA  B 1 5  ? 1.877   2.874   -4.411  1.00 2.00  ? 15  DA  B C2    1 
ATOM   295 N  N3    . DA  B 1 5  ? 3.201   3.044   -4.426  1.00 2.00  ? 15  DA  B N3    1 
ATOM   296 C  C4    . DA  B 1 5  ? 3.802   2.164   -3.612  1.00 2.00  ? 15  DA  B C4    1 
ATOM   297 P  P     . DT  B 1 6  ? 7.743   6.362   -1.559  1.00 9.63  ? 16  DT  B P     1 
ATOM   298 O  OP1   . DT  B 1 6  ? 8.653   7.523   -1.611  1.00 8.49  ? 16  DT  B OP1   1 
ATOM   299 O  OP2   . DT  B 1 6  ? 7.463   5.681   -0.273  1.00 7.37  ? 16  DT  B OP2   1 
ATOM   300 O  "O5'" . DT  B 1 6  ? 6.359   6.795   -2.253  1.00 5.64  ? 16  DT  B "O5'" 1 
ATOM   301 C  "C5'" . DT  B 1 6  ? 6.362   7.501   -3.507  1.00 7.10  ? 16  DT  B "C5'" 1 
ATOM   302 C  "C4'" . DT  B 1 6  ? 5.029   8.185   -3.690  1.00 4.54  ? 16  DT  B "C4'" 1 
ATOM   303 O  "O4'" . DT  B 1 6  ? 4.056   7.143   -3.901  1.00 5.76  ? 16  DT  B "O4'" 1 
ATOM   304 C  "C3'" . DT  B 1 6  ? 4.587   8.890   -2.416  1.00 5.33  ? 16  DT  B "C3'" 1 
ATOM   305 O  "O3'" . DT  B 1 6  ? 4.811   10.272  -2.504  1.00 3.88  ? 16  DT  B "O3'" 1 
ATOM   306 C  "C2'" . DT  B 1 6  ? 3.093   8.626   -2.301  1.00 6.16  ? 16  DT  B "C2'" 1 
ATOM   307 C  "C1'" . DT  B 1 6  ? 2.870   7.402   -3.172  1.00 6.52  ? 16  DT  B "C1'" 1 
ATOM   308 N  N1    . DT  B 1 6  ? 2.469   6.236   -2.336  1.00 4.83  ? 16  DT  B N1    1 
ATOM   309 C  C2    . DT  B 1 6  ? 1.124   5.968   -2.205  1.00 3.79  ? 16  DT  B C2    1 
ATOM   310 O  O2    . DT  B 1 6  ? 0.258   6.628   -2.734  1.00 3.72  ? 16  DT  B O2    1 
ATOM   311 N  N3    . DT  B 1 6  ? 0.814   4.886   -1.429  1.00 2.58  ? 16  DT  B N3    1 
ATOM   312 C  C4    . DT  B 1 6  ? 1.693   4.070   -0.746  1.00 3.93  ? 16  DT  B C4    1 
ATOM   313 O  O4    . DT  B 1 6  ? 1.327   3.138   -0.052  1.00 6.92  ? 16  DT  B O4    1 
ATOM   314 C  C5    . DT  B 1 6  ? 3.088   4.400   -0.914  1.00 4.76  ? 16  DT  B C5    1 
ATOM   315 C  C7    . DT  B 1 6  ? 4.127   3.546   -0.248  1.00 5.53  ? 16  DT  B C7    1 
ATOM   316 C  C6    . DT  B 1 6  ? 3.408   5.456   -1.681  1.00 3.41  ? 16  DT  B C6    1 
ATOM   317 P  P     . DG  B 1 7  ? 4.671   11.053  -1.123  1.00 7.60  ? 17  DG  B P     1 
ATOM   318 O  OP1   . DG  B 1 7  ? 5.289   12.368  -1.390  1.00 6.14  ? 17  DG  B OP1   1 
ATOM   319 O  OP2   . DG  B 1 7  ? 5.190   10.214  -0.033  1.00 6.45  ? 17  DG  B OP2   1 
ATOM   320 O  "O5'" . DG  B 1 7  ? 3.103   11.274  -0.886  1.00 5.78  ? 17  DG  B "O5'" 1 
ATOM   321 C  "C5'" . DG  B 1 7  ? 2.350   12.222  -1.599  1.00 5.52  ? 17  DG  B "C5'" 1 
ATOM   322 C  "C4'" . DG  B 1 7  ? 0.986   12.310  -0.950  1.00 5.04  ? 17  DG  B "C4'" 1 
ATOM   323 O  "O4'" . DG  B 1 7  ? 0.275   11.103  -1.309  1.00 5.88  ? 17  DG  B "O4'" 1 
ATOM   324 C  "C3'" . DG  B 1 7  ? 1.015   12.280  0.572   1.00 4.91  ? 17  DG  B "C3'" 1 
ATOM   325 O  "O3'" . DG  B 1 7  ? 1.035   13.572  1.129   1.00 6.10  ? 17  DG  B "O3'" 1 
ATOM   326 C  "C2'" . DG  B 1 7  ? -0.295  11.610  0.953   1.00 6.26  ? 17  DG  B "C2'" 1 
ATOM   327 C  "C1'" . DG  B 1 7  ? -0.553  10.711  -0.231  1.00 3.25  ? 17  DG  B "C1'" 1 
ATOM   328 N  N9    . DG  B 1 7  ? -0.319  9.351   0.231   1.00 2.99  ? 17  DG  B N9    1 
ATOM   329 C  C8    . DG  B 1 7  ? 0.862   8.654   0.414   1.00 2.00  ? 17  DG  B C8    1 
ATOM   330 N  N7    . DG  B 1 7  ? 0.688   7.441   0.883   1.00 2.00  ? 17  DG  B N7    1 
ATOM   331 C  C5    . DG  B 1 7  ? -0.692  7.348   1.017   1.00 2.27  ? 17  DG  B C5    1 
ATOM   332 C  C6    . DG  B 1 7  ? -1.491  6.288   1.490   1.00 2.17  ? 17  DG  B C6    1 
ATOM   333 O  O6    . DG  B 1 7  ? -1.126  5.171   1.881   1.00 3.08  ? 17  DG  B O6    1 
ATOM   334 N  N1    . DG  B 1 7  ? -2.850  6.615   1.472   1.00 2.00  ? 17  DG  B N1    1 
ATOM   335 C  C2    . DG  B 1 7  ? -3.396  7.814   1.067   1.00 3.04  ? 17  DG  B C2    1 
ATOM   336 N  N2    . DG  B 1 7  ? -4.732  7.941   1.128   1.00 2.00  ? 17  DG  B N2    1 
ATOM   337 N  N3    . DG  B 1 7  ? -2.647  8.817   0.625   1.00 2.87  ? 17  DG  B N3    1 
ATOM   338 C  C4    . DG  B 1 7  ? -1.319  8.516   0.646   1.00 2.49  ? 17  DG  B C4    1 
ATOM   339 P  P     . DG  B 1 8  ? 1.525   13.698  2.649   1.00 6.20  ? 18  DG  B P     1 
ATOM   340 O  OP1   . DG  B 1 8  ? 1.573   15.139  3.016   1.00 4.92  ? 18  DG  B OP1   1 
ATOM   341 O  OP2   . DG  B 1 8  ? 2.751   12.873  2.765   1.00 5.61  ? 18  DG  B OP2   1 
ATOM   342 O  "O5'" . DG  B 1 8  ? 0.271   13.069  3.413   1.00 7.14  ? 18  DG  B "O5'" 1 
ATOM   343 C  "C5'" . DG  B 1 8  ? -1.004  13.699  3.251   1.00 5.35  ? 18  DG  B "C5'" 1 
ATOM   344 C  "C4'" . DG  B 1 8  ? -1.929  13.041  4.243   1.00 4.83  ? 18  DG  B "C4'" 1 
ATOM   345 O  "O4'" . DG  B 1 8  ? -2.165  11.698  3.733   1.00 4.00  ? 18  DG  B "O4'" 1 
ATOM   346 C  "C3'" . DG  B 1 8  ? -1.226  12.906  5.594   1.00 4.36  ? 18  DG  B "C3'" 1 
ATOM   347 O  "O3'" . DG  B 1 8  ? -1.818  13.447  6.755   1.00 2.72  ? 18  DG  B "O3'" 1 
ATOM   348 C  "C2'" . DG  B 1 8  ? -1.136  11.414  5.777   1.00 6.14  ? 18  DG  B "C2'" 1 
ATOM   349 C  "C1'" . DG  B 1 8  ? -2.143  10.805  4.807   1.00 3.06  ? 18  DG  B "C1'" 1 
ATOM   350 N  N9    . DG  B 1 8  ? -1.445  9.562   4.588   1.00 3.08  ? 18  DG  B N9    1 
ATOM   351 C  C8    . DG  B 1 8  ? -0.170  9.443   4.100   1.00 2.13  ? 18  DG  B C8    1 
ATOM   352 N  N7    . DG  B 1 8  ? 0.280   8.228   4.104   1.00 2.82  ? 18  DG  B N7    1 
ATOM   353 C  C5    . DG  B 1 8  ? -0.758  7.492   4.653   1.00 2.00  ? 18  DG  B C5    1 
ATOM   354 C  C6    . DG  B 1 8  ? -0.843  6.105   4.915   1.00 2.26  ? 18  DG  B C6    1 
ATOM   355 O  O6    . DG  B 1 8  ? 0.023   5.256   4.670   1.00 2.60  ? 18  DG  B O6    1 
ATOM   356 N  N1    . DG  B 1 8  ? -2.054  5.735   5.505   1.00 2.00  ? 18  DG  B N1    1 
ATOM   357 C  C2    . DG  B 1 8  ? -3.063  6.626   5.805   1.00 2.00  ? 18  DG  B C2    1 
ATOM   358 N  N2    . DG  B 1 8  ? -4.174  6.110   6.349   1.00 2.00  ? 18  DG  B N2    1 
ATOM   359 N  N3    . DG  B 1 8  ? -2.990  7.934   5.558   1.00 2.00  ? 18  DG  B N3    1 
ATOM   360 C  C4    . DG  B 1 8  ? -1.810  8.302   5.001   1.00 2.00  ? 18  DG  B C4    1 
ATOM   361 P  P     . DG  B 1 9  ? -0.964  13.241  8.121   1.00 2.00  ? 19  DG  B P     1 
ATOM   362 O  OP1   . DG  B 1 9  ? -1.010  14.522  8.861   1.00 2.40  ? 19  DG  B OP1   1 
ATOM   363 O  OP2   . DG  B 1 9  ? 0.338   12.606  7.833   1.00 3.43  ? 19  DG  B OP2   1 
ATOM   364 O  "O5'" . DG  B 1 9  ? -1.831  12.128  8.871   1.00 2.00  ? 19  DG  B "O5'" 1 
ATOM   365 C  "C5'" . DG  B 1 9  ? -3.088  12.449  9.483   1.00 2.00  ? 19  DG  B "C5'" 1 
ATOM   366 C  "C4'" . DG  B 1 9  ? -3.688  11.213  10.140  1.00 2.17  ? 19  DG  B "C4'" 1 
ATOM   367 O  "O4'" . DG  B 1 9  ? -3.827  10.169  9.145   1.00 2.19  ? 19  DG  B "O4'" 1 
ATOM   368 C  "C3'" . DG  B 1 9  ? -2.838  10.565  11.229  1.00 2.00  ? 19  DG  B "C3'" 1 
ATOM   369 O  "O3'" . DG  B 1 9  ? -3.028  11.240  12.463  1.00 2.00  ? 19  DG  B "O3'" 1 
ATOM   370 C  "C2'" . DG  B 1 9  ? -3.457  9.165   11.244  1.00 2.00  ? 19  DG  B "C2'" 1 
ATOM   371 C  "C1'" . DG  B 1 9  ? -3.677  8.889   9.758   1.00 2.00  ? 19  DG  B "C1'" 1 
ATOM   372 N  N9    . DG  B 1 9  ? -2.488  8.204   9.259   1.00 2.00  ? 19  DG  B N9    1 
ATOM   373 C  C8    . DG  B 1 9  ? -1.471  8.778   8.541   1.00 2.00  ? 19  DG  B C8    1 
ATOM   374 N  N7    . DG  B 1 9  ? -0.502  7.946   8.253   1.00 2.00  ? 19  DG  B N7    1 
ATOM   375 C  C5    . DG  B 1 9  ? -0.888  6.761   8.853   1.00 2.00  ? 19  DG  B C5    1 
ATOM   376 C  C6    . DG  B 1 9  ? -0.227  5.512   8.878   1.00 2.00  ? 19  DG  B C6    1 
ATOM   377 O  O6    . DG  B 1 9  ? 0.876   5.259   8.368   1.00 2.00  ? 19  DG  B O6    1 
ATOM   378 N  N1    . DG  B 1 9  ? -0.940  4.540   9.592   1.00 2.53  ? 19  DG  B N1    1 
ATOM   379 C  C2    . DG  B 1 9  ? -2.150  4.759   10.206  1.00 2.00  ? 19  DG  B C2    1 
ATOM   380 N  N2    . DG  B 1 9  ? -2.716  3.717   10.841  1.00 2.00  ? 19  DG  B N2    1 
ATOM   381 N  N3    . DG  B 1 9  ? -2.785  5.922   10.165  1.00 2.00  ? 19  DG  B N3    1 
ATOM   382 C  C4    . DG  B 1 9  ? -2.103  6.887   9.483   1.00 2.00  ? 19  DG  B C4    1 
ATOM   383 P  P     . DG  B 1 10 ? -1.941  11.180  13.643  1.00 2.26  ? 20  DG  B P     1 
ATOM   384 O  OP1   . DG  B 1 10 ? -2.514  11.998  14.744  1.00 2.00  ? 20  DG  B OP1   1 
ATOM   385 O  OP2   . DG  B 1 10 ? -0.596  11.509  13.163  1.00 2.00  ? 20  DG  B OP2   1 
ATOM   386 O  "O5'" . DG  B 1 10 ? -1.926  9.647   14.112  1.00 2.00  ? 20  DG  B "O5'" 1 
ATOM   387 C  "C5'" . DG  B 1 10 ? -3.088  9.068   14.777  1.00 2.00  ? 20  DG  B "C5'" 1 
ATOM   388 C  "C4'" . DG  B 1 10 ? -2.875  7.597   15.136  1.00 2.80  ? 20  DG  B "C4'" 1 
ATOM   389 O  "O4'" . DG  B 1 10 ? -2.458  6.805   13.994  1.00 2.00  ? 20  DG  B "O4'" 1 
ATOM   390 C  "C3'" . DG  B 1 10 ? -1.862  7.330   16.257  1.00 4.39  ? 20  DG  B "C3'" 1 
ATOM   391 O  "O3'" . DG  B 1 10 ? -2.454  6.558   17.274  1.00 7.21  ? 20  DG  B "O3'" 1 
ATOM   392 C  "C2'" . DG  B 1 10 ? -0.788  6.466   15.624  1.00 2.00  ? 20  DG  B "C2'" 1 
ATOM   393 C  "C1'" . DG  B 1 10 ? -1.430  5.912   14.352  1.00 2.00  ? 20  DG  B "C1'" 1 
ATOM   394 N  N9    . DG  B 1 10 ? -0.425  5.929   13.312  1.00 2.00  ? 20  DG  B N9    1 
ATOM   395 C  C8    . DG  B 1 10 ? 0.008   7.049   12.625  1.00 2.00  ? 20  DG  B C8    1 
ATOM   396 N  N7    . DG  B 1 10 ? 0.950   6.810   11.766  1.00 2.00  ? 20  DG  B N7    1 
ATOM   397 C  C5    . DG  B 1 10 ? 1.195   5.440   11.915  1.00 2.00  ? 20  DG  B C5    1 
ATOM   398 C  C6    . DG  B 1 10 ? 2.106   4.591   11.250  1.00 2.00  ? 20  DG  B C6    1 
ATOM   399 O  O6    . DG  B 1 10 ? 2.920   4.916   10.389  1.00 3.88  ? 20  DG  B O6    1 
ATOM   400 N  N1    . DG  B 1 10 ? 2.029   3.260   11.672  1.00 2.05  ? 20  DG  B N1    1 
ATOM   401 C  C2    . DG  B 1 10 ? 1.168   2.804   12.636  1.00 2.00  ? 20  DG  B C2    1 
ATOM   402 N  N2    . DG  B 1 10 ? 1.227   1.484   12.920  1.00 2.00  ? 20  DG  B N2    1 
ATOM   403 N  N3    . DG  B 1 10 ? 0.296   3.589   13.272  1.00 2.00  ? 20  DG  B N3    1 
ATOM   404 C  C4    . DG  B 1 10 ? 0.361   4.886   12.866  1.00 2.00  ? 20  DG  B C4    1 
HETATM 405 CA CA    . CA  C 2 .  ? -3.921  -3.228  -5.520  1.00 2.16  ? 22  CA  A CA    1 
HETATM 406 CA CA    . CA  D 2 .  ? 7.706   -11.752 -13.700 1.00 2.00  ? 24  CA  A CA    1 
HETATM 407 CA CA    . CA  E 2 .  ? 0.638   -7.737  6.498   1.00 2.51  ? 25  CA  A CA    1 
HETATM 408 NA NA    . NA  F 3 .  ? 2.603   5.481   4.391   1.00 2.00  ? 23  NA  B NA    1 
HETATM 409 O  O     . HOH G 4 .  ? -6.227  -2.517  -6.378  1.00 2.13  ? 21  HOH A O     1 
HETATM 410 O  O     . HOH G 4 .  ? -2.860  -8.521  -7.215  1.00 3.48  ? 26  HOH A O     1 
HETATM 411 O  O     . HOH G 4 .  ? -11.018 -2.440  7.029   1.00 2.00  ? 27  HOH A O     1 
HETATM 412 O  O     . HOH G 4 .  ? -7.577  0.425   2.420   1.00 9.00  ? 28  HOH A O     1 
HETATM 413 O  O     . HOH G 4 .  ? -5.416  7.375   -2.321  1.00 4.82  ? 29  HOH A O     1 
HETATM 414 O  O     . HOH G 4 .  ? -4.000  1.027   11.972  1.00 6.20  ? 30  HOH A O     1 
HETATM 415 O  O     . HOH G 4 .  ? 3.656   1.335   6.060   1.00 3.46  ? 31  HOH A O     1 
HETATM 416 O  O     . HOH G 4 .  ? -6.330  0.165   -5.674  1.00 4.24  ? 32  HOH A O     1 
HETATM 417 O  O     . HOH G 4 .  ? 8.631   -9.740  -14.675 1.00 2.05  ? 33  HOH A O     1 
HETATM 418 O  O     . HOH G 4 .  ? -3.690  -0.907  -5.358  1.00 5.92  ? 35  HOH A O     1 
HETATM 419 O  O     . HOH G 4 .  ? -3.104  -2.932  -7.991  1.00 2.61  ? 36  HOH A O     1 
HETATM 420 O  O     . HOH G 4 .  ? -3.982  -0.122  1.392   1.00 2.06  ? 37  HOH A O     1 
HETATM 421 O  O     . HOH G 4 .  ? -2.440  -5.008  -5.878  1.00 3.44  ? 38  HOH A O     1 
HETATM 422 O  O     . HOH G 4 .  ? -3.461  -8.425  -9.707  1.00 2.00  ? 39  HOH A O     1 
HETATM 423 O  O     . HOH G 4 .  ? 9.560   -13.276 -14.207 1.00 2.00  ? 40  HOH A O     1 
HETATM 424 O  O     . HOH G 4 .  ? 0.073   -2.313  6.267   1.00 9.54  ? 44  HOH A O     1 
HETATM 425 O  O     . HOH G 4 .  ? 6.248   -7.253  -16.419 1.00 4.92  ? 45  HOH A O     1 
HETATM 426 O  O     . HOH G 4 .  ? 4.148   -1.992  -17.638 1.00 9.74  ? 46  HOH A O     1 
HETATM 427 O  O     . HOH G 4 .  ? -5.312  -4.779  -6.475  1.00 7.10  ? 47  HOH A O     1 
HETATM 428 O  O     . HOH G 4 .  ? 0.947   0.160   4.149   1.00 13.83 ? 48  HOH A O     1 
HETATM 429 O  O     . HOH G 4 .  ? -4.648  -7.531  7.175   1.00 9.38  ? 49  HOH A O     1 
HETATM 430 O  O     . HOH G 4 .  ? -1.974  -2.671  -4.191  1.00 3.27  ? 50  HOH A O     1 
HETATM 431 O  O     . HOH G 4 .  ? -4.290  -2.350  -0.246  1.00 9.11  ? 51  HOH A O     1 
HETATM 432 O  O     . HOH G 4 .  ? 6.849   -13.797 -12.792 1.00 4.35  ? 52  HOH A O     1 
HETATM 433 O  O     . HOH G 4 .  ? 6.483   -12.295 -15.713 1.00 6.19  ? 53  HOH A O     1 
HETATM 434 O  O     . HOH G 4 .  ? -2.590  -6.361  -8.959  1.00 11.87 ? 55  HOH A O     1 
HETATM 435 O  O     . HOH G 4 .  ? 8.676   -5.735  5.806   1.00 19.55 ? 56  HOH A O     1 
HETATM 436 O  O     . HOH G 4 .  ? -1.728  6.633   -11.443 1.00 6.28  ? 57  HOH A O     1 
HETATM 437 O  O     . HOH G 4 .  ? 6.984   -7.605  -13.981 1.00 8.90  ? 58  HOH A O     1 
HETATM 438 O  O     . HOH G 4 .  ? 2.149   -7.338  10.756  1.00 7.87  ? 59  HOH A O     1 
HETATM 439 O  O     . HOH G 4 .  ? -1.485  -9.934  -10.071 1.00 3.32  ? 60  HOH A O     1 
HETATM 440 O  O     . HOH G 4 .  ? -12.288 1.291   5.441   1.00 15.65 ? 61  HOH A O     1 
HETATM 441 O  O     . HOH G 4 .  ? -5.443  -6.793  -9.797  1.00 8.81  ? 62  HOH A O     1 
HETATM 442 O  O     . HOH G 4 .  ? -1.539  8.482   -6.334  1.00 13.55 ? 65  HOH A O     1 
HETATM 443 O  O     . HOH G 4 .  ? -5.730  -1.158  12.296  1.00 10.83 ? 66  HOH A O     1 
HETATM 444 O  O     . HOH G 4 .  ? -4.590  -6.453  -7.515  1.00 14.34 ? 67  HOH A O     1 
HETATM 445 O  O     . HOH G 4 .  ? 10.931  -14.330 -12.418 1.00 15.95 ? 70  HOH A O     1 
HETATM 446 O  O     . HOH G 4 .  ? -14.070 2.253   -0.300  1.00 8.35  ? 71  HOH A O     1 
HETATM 447 O  O     . HOH G 4 .  ? 8.500   -7.498  8.342   1.00 11.11 ? 73  HOH A O     1 
HETATM 448 O  O     . HOH G 4 .  ? 5.149   -1.679  -21.679 1.00 14.49 ? 76  HOH A O     1 
HETATM 449 O  O     . HOH G 4 .  ? -1.240  -5.433  4.985   1.00 11.78 ? 80  HOH A O     1 
HETATM 450 O  O     . HOH G 4 .  ? -2.055  -1.341  -0.278  1.00 6.55  ? 82  HOH A O     1 
HETATM 451 O  O     . HOH G 4 .  ? -7.380  5.039   -10.943 1.00 8.67  ? 84  HOH A O     1 
HETATM 452 O  O     . HOH G 4 .  ? 4.762   -5.213  -16.967 1.00 9.95  ? 87  HOH A O     1 
HETATM 453 O  O     . HOH G 4 .  ? -8.815  -3.114  8.575   1.00 6.02  ? 89  HOH A O     1 
HETATM 454 O  O     . HOH G 4 .  ? 7.040   -5.011  -15.266 1.00 11.81 ? 91  HOH A O     1 
HETATM 455 O  O     . HOH G 4 .  ? -12.909 3.605   4.800   1.00 8.91  ? 94  HOH A O     1 
HETATM 456 O  O     . HOH G 4 .  ? -1.396  0.620   2.422   1.00 4.00  ? 95  HOH A O     1 
HETATM 457 O  O     . HOH G 4 .  ? -4.472  -1.217  4.225   1.00 11.38 ? 96  HOH A O     1 
HETATM 458 O  O     . HOH G 4 .  ? -4.550  -0.816  -9.492  1.00 4.25  ? 98  HOH A O     1 
HETATM 459 O  O     . HOH G 4 .  ? -5.468  -9.374  -8.504  1.00 6.61  ? 101 HOH A O     1 
HETATM 460 O  O     . HOH G 4 .  ? -12.599 0.677   -1.000  1.00 9.45  ? 104 HOH A O     1 
HETATM 461 O  O     . HOH G 4 .  ? 4.718   -15.422 -12.248 1.00 9.55  ? 107 HOH A O     1 
HETATM 462 O  O     . HOH G 4 .  ? 3.053   -9.120  -15.974 1.00 8.52  ? 110 HOH A O     1 
HETATM 463 O  O     . HOH G 4 .  ? -1.382  6.425   -4.793  1.00 11.36 ? 111 HOH A O     1 
HETATM 464 O  O     . HOH G 4 .  ? -7.353  -4.936  7.525   1.00 12.28 ? 115 HOH A O     1 
HETATM 465 O  O     . HOH G 4 .  ? 5.953   -7.076  9.096   1.00 18.82 ? 116 HOH A O     1 
HETATM 466 O  O     . HOH G 4 .  ? -6.609  -1.008  -7.960  1.00 22.13 ? 118 HOH A O     1 
HETATM 467 O  O     . HOH G 4 .  ? -6.200  -2.385  1.687   1.00 12.01 ? 119 HOH A O     1 
HETATM 468 O  O     . HOH G 4 .  ? -2.681  -7.355  9.381   1.00 13.54 ? 121 HOH A O     1 
HETATM 469 O  O     . HOH G 4 .  ? 4.838   -4.601  5.059   1.00 10.91 ? 122 HOH A O     1 
HETATM 470 O  O     . HOH G 4 .  ? -2.595  6.367   -8.499  1.00 16.93 ? 123 HOH A O     1 
HETATM 471 O  O     . HOH G 4 .  ? -12.573 2.815   -5.325  1.00 15.51 ? 124 HOH A O     1 
HETATM 472 O  O     . HOH G 4 .  ? 4.090   -2.571  3.411   1.00 16.37 ? 125 HOH A O     1 
HETATM 473 O  O     . HOH G 4 .  ? -11.339 4.613   -6.753  1.00 17.96 ? 127 HOH A O     1 
HETATM 474 O  O     . HOH G 4 .  ? -11.894 0.783   -3.545  1.00 17.73 ? 132 HOH A O     1 
HETATM 475 O  O     . HOH G 4 .  ? -11.142 -1.671  2.975   1.00 25.00 ? 134 HOH A O     1 
HETATM 476 O  O     . HOH G 4 .  ? -3.440  -1.732  -16.193 1.00 22.00 ? 140 HOH A O     1 
HETATM 477 O  O     . HOH H 4 .  ? 2.835   7.939   4.214   1.00 7.99  ? 34  HOH B O     1 
HETATM 478 O  O     . HOH H 4 .  ? 3.820   -11.566 7.357   1.00 5.17  ? 41  HOH B O     1 
HETATM 479 O  O     . HOH H 4 .  ? 2.609   -9.178  6.661   1.00 2.00  ? 42  HOH B O     1 
HETATM 480 O  O     . HOH H 4 .  ? -0.784  -11.745 6.597   1.00 13.76 ? 43  HOH B O     1 
HETATM 481 O  O     . HOH H 4 .  ? 1.621   -6.624  4.629   1.00 7.28  ? 54  HOH B O     1 
HETATM 482 O  O     . HOH H 4 .  ? 3.905   4.642   -6.555  1.00 2.69  ? 63  HOH B O     1 
HETATM 483 O  O     . HOH H 4 .  ? -1.738  8.057   -1.994  1.00 3.62  ? 64  HOH B O     1 
HETATM 484 O  O     . HOH H 4 .  ? -4.878  5.942   12.496  1.00 3.19  ? 68  HOH B O     1 
HETATM 485 O  O     . HOH H 4 .  ? 8.280   0.097   3.206   1.00 10.78 ? 69  HOH B O     1 
HETATM 486 O  O     . HOH H 4 .  ? 5.466   -7.751  6.554   1.00 14.61 ? 72  HOH B O     1 
HETATM 487 O  O     . HOH H 4 .  ? -1.179  14.101  15.470  1.00 4.75  ? 74  HOH B O     1 
HETATM 488 O  O     . HOH H 4 .  ? -3.646  9.411   -1.874  1.00 6.84  ? 75  HOH B O     1 
HETATM 489 O  O     . HOH H 4 .  ? 5.157   5.537   3.354   1.00 2.00  ? 77  HOH B O     1 
HETATM 490 O  O     . HOH H 4 .  ? 6.420   11.225  4.695   1.00 14.24 ? 78  HOH B O     1 
HETATM 491 O  O     . HOH H 4 .  ? 2.617   5.830   1.839   1.00 7.45  ? 79  HOH B O     1 
HETATM 492 O  O     . HOH H 4 .  ? -2.053  -8.153  6.566   1.00 8.55  ? 81  HOH B O     1 
HETATM 493 O  O     . HOH H 4 .  ? 5.295   7.226   0.704   1.00 7.35  ? 83  HOH B O     1 
HETATM 494 O  O     . HOH H 4 .  ? -3.503  -7.461  4.421   1.00 26.17 ? 85  HOH B O     1 
HETATM 495 O  O     . HOH H 4 .  ? -4.437  11.232  -2.378  1.00 10.89 ? 86  HOH B O     1 
HETATM 496 O  O     . HOH H 4 .  ? -2.744  11.905  -3.997  1.00 7.11  ? 88  HOH B O     1 
HETATM 497 O  O     . HOH H 4 .  ? -0.982  16.553  5.943   1.00 13.43 ? 90  HOH B O     1 
HETATM 498 O  O     . HOH H 4 .  ? 0.974   3.804   2.881   1.00 5.21  ? 92  HOH B O     1 
HETATM 499 O  O     . HOH H 4 .  ? -1.024  -5.258  -0.823  1.00 6.99  ? 93  HOH B O     1 
HETATM 500 O  O     . HOH H 4 .  ? -4.431  -6.301  -1.594  1.00 7.10  ? 97  HOH B O     1 
HETATM 501 O  O     . HOH H 4 .  ? 1.524   -3.425  -0.340  1.00 10.65 ? 99  HOH B O     1 
HETATM 502 O  O     . HOH H 4 .  ? 1.336   -9.881  8.541   1.00 13.69 ? 100 HOH B O     1 
HETATM 503 O  O     . HOH H 4 .  ? -3.593  12.680  -7.135  1.00 20.41 ? 102 HOH B O     1 
HETATM 504 O  O     . HOH H 4 .  ? 2.562   1.603   2.080   1.00 5.19  ? 103 HOH B O     1 
HETATM 505 O  O     . HOH H 4 .  ? -5.246  13.325  12.297  1.00 31.66 ? 105 HOH B O     1 
HETATM 506 O  O     . HOH H 4 .  ? -7.224  -13.651 2.308   1.00 12.23 ? 106 HOH B O     1 
HETATM 507 O  O     . HOH H 4 .  ? 0.431   16.673  7.767   1.00 11.05 ? 108 HOH B O     1 
HETATM 508 O  O     . HOH H 4 .  ? 9.567   -5.864  -4.264  1.00 14.58 ? 109 HOH B O     1 
HETATM 509 O  O     . HOH H 4 .  ? 5.002   13.476  4.697   1.00 6.76  ? 112 HOH B O     1 
HETATM 510 O  O     . HOH H 4 .  ? -0.207  -6.223  1.462   1.00 9.37  ? 113 HOH B O     1 
HETATM 511 O  O     . HOH H 4 .  ? 3.096   14.609  0.540   1.00 15.71 ? 114 HOH B O     1 
HETATM 512 O  O     . HOH H 4 .  ? -2.414  17.137  3.747   1.00 11.64 ? 117 HOH B O     1 
HETATM 513 O  O     . HOH H 4 .  ? 7.851   -6.632  -3.766  1.00 16.25 ? 120 HOH B O     1 
HETATM 514 O  O     . HOH H 4 .  ? 9.347   -9.710  3.797   1.00 19.24 ? 126 HOH B O     1 
HETATM 515 O  O     . HOH H 4 .  ? 12.525  3.459   2.135   1.00 20.85 ? 128 HOH B O     1 
HETATM 516 O  O     . HOH H 4 .  ? 1.342   16.894  5.059   1.00 21.01 ? 129 HOH B O     1 
HETATM 517 O  O     . HOH H 4 .  ? 12.585  8.574   -1.727  1.00 24.37 ? 130 HOH B O     1 
HETATM 518 O  O     . HOH H 4 .  ? -5.993  -8.527  -2.403  1.00 18.93 ? 131 HOH B O     1 
HETATM 519 O  O     . HOH H 4 .  ? 3.545   2.824   3.870   1.00 26.00 ? 133 HOH B O     1 
HETATM 520 O  O     . HOH H 4 .  ? 4.644   -3.162  0.558   1.00 28.00 ? 135 HOH B O     1 
HETATM 521 O  O     . HOH H 4 .  ? 12.141  5.704   0.157   1.00 24.00 ? 136 HOH B O     1 
HETATM 522 O  O     . HOH H 4 .  ? 2.415   13.757  6.703   1.00 24.00 ? 137 HOH B O     1 
HETATM 523 O  O     . HOH H 4 .  ? -3.396  15.678  9.711   1.00 28.00 ? 138 HOH B O     1 
HETATM 524 O  O     . HOH H 4 .  ? 0.810   9.570   -4.285  1.00 27.00 ? 139 HOH B O     1 
# 
